data_8AI3
#
_entry.id   8AI3
#
_cell.length_a   80.26
_cell.length_b   93.11
_cell.length_c   127.36
_cell.angle_alpha   90
_cell.angle_beta   90
_cell.angle_gamma   90
#
_symmetry.space_group_name_H-M   'P 21 21 21'
#
loop_
_entity.id
_entity.type
_entity.pdbx_description
1 polymer 'Putative peptide biosynthesis protein YydG'
2 non-polymer 'IRON/SULFUR CLUSTER'
3 non-polymer S-ADENOSYLMETHIONINE
4 non-polymer 1,2-ETHANEDIOL
5 non-polymer GLYCEROL
6 water water
#
_entity_poly.entity_id   1
_entity_poly.type   'polypeptide(L)'
_entity_poly.pdbx_seq_one_letter_code
;MASWSHPQFEKSGGGGGENLYFQGHMYNKTVSINLDSRCNASCDHCCFSSSPTSTTRMEKEYIRELVTEFAKNKTIQVIS
FTGGEVFLDYKFLKELMEIIKPYEKQITLISNGFWGLSKKKVQEYFHDMNSLNVIALTISYDEYHAPFVKSSSIKNILEH
SRKYPDIDISLNMAVTKDKMSNHILEELGDSILGVKITKFPMISVGAAKTRIKQENIHKFYSLEDEDSLHCPGYDIVYHH
DGEIYPCASPAIFETKITLREEYNQSFERTVEKLNSNLLLFILRKEGFKWFLNILKENNKIEEFDIPYEFSSICGVCGSL
FNSAEKINYFYPYMEKYYNENFKV
;
_entity_poly.pdbx_strand_id   A,B
#
loop_
_chem_comp.id
_chem_comp.type
_chem_comp.name
_chem_comp.formula
EDO non-polymer 1,2-ETHANEDIOL 'C2 H6 O2'
GOL non-polymer GLYCEROL 'C3 H8 O3'
SAM non-polymer S-ADENOSYLMETHIONINE 'C15 H22 N6 O5 S'
SF4 non-polymer 'IRON/SULFUR CLUSTER' 'Fe4 S4'
#
# COMPACT_ATOMS: atom_id res chain seq x y z
N MET A 26 0.27 12.87 20.78
CA MET A 26 0.84 12.38 19.51
C MET A 26 1.49 11.01 19.72
N TYR A 27 1.52 10.17 18.67
CA TYR A 27 2.13 8.82 18.67
C TYR A 27 1.48 7.86 19.67
N ASN A 28 0.21 8.07 20.00
CA ASN A 28 -0.47 7.22 20.97
C ASN A 28 -1.59 6.34 20.40
N LYS A 29 -1.66 6.20 19.08
CA LYS A 29 -2.68 5.37 18.46
C LYS A 29 -2.18 3.98 18.03
N THR A 30 -0.85 3.81 17.91
CA THR A 30 -0.28 2.51 17.51
C THR A 30 0.88 2.11 18.44
N VAL A 31 1.02 0.82 18.71
CA VAL A 31 2.13 0.32 19.52
C VAL A 31 2.58 -1.04 18.98
N SER A 32 3.88 -1.31 19.00
CA SER A 32 4.40 -2.60 18.58
C SER A 32 5.08 -3.32 19.72
N ILE A 33 4.96 -4.65 19.75
CA ILE A 33 5.67 -5.48 20.69
C ILE A 33 6.53 -6.46 19.92
N ASN A 34 7.83 -6.49 20.23
CA ASN A 34 8.72 -7.48 19.66
C ASN A 34 8.75 -8.62 20.67
N LEU A 35 8.09 -9.74 20.33
CA LEU A 35 7.88 -10.91 21.19
C LEU A 35 9.13 -11.72 21.56
N ASP A 36 10.14 -11.77 20.69
CA ASP A 36 11.32 -12.58 20.94
C ASP A 36 12.36 -12.39 19.86
N SER A 37 13.63 -12.62 20.18
CA SER A 37 14.69 -12.59 19.16
C SER A 37 14.81 -13.99 18.46
N ARG A 38 14.21 -15.06 19.05
CA ARG A 38 14.30 -16.41 18.49
C ARG A 38 13.56 -16.50 17.16
N CYS A 39 14.17 -17.22 16.22
CA CYS A 39 13.62 -17.41 14.88
C CYS A 39 14.01 -18.77 14.36
N ASN A 40 13.24 -19.37 13.44
CA ASN A 40 13.60 -20.65 12.79
C ASN A 40 14.73 -20.39 11.73
N ALA A 41 14.78 -19.16 11.17
CA ALA A 41 15.72 -18.70 10.16
C ALA A 41 17.00 -18.11 10.83
N SER A 42 18.06 -17.87 10.03
CA SER A 42 19.32 -17.27 10.48
C SER A 42 19.82 -16.38 9.31
N CYS A 43 18.94 -15.51 8.79
CA CYS A 43 19.24 -14.62 7.66
C CYS A 43 20.57 -13.86 7.82
N ASP A 44 21.36 -13.79 6.76
CA ASP A 44 22.65 -13.11 6.80
C ASP A 44 22.56 -11.59 6.89
N HIS A 45 21.38 -11.02 6.70
CA HIS A 45 21.21 -9.57 6.81
C HIS A 45 20.54 -9.15 8.15
N CYS A 46 20.00 -10.12 8.94
CA CYS A 46 19.17 -9.87 10.11
C CYS A 46 19.72 -8.80 11.04
N CYS A 47 18.92 -7.74 11.22
CA CYS A 47 19.25 -6.63 12.09
C CYS A 47 19.39 -7.03 13.57
N PHE A 48 18.81 -8.17 13.97
CA PHE A 48 18.91 -8.68 15.34
C PHE A 48 19.77 -9.94 15.44
N SER A 49 20.39 -10.41 14.33
CA SER A 49 21.16 -11.66 14.26
C SER A 49 20.33 -12.82 14.80
N SER A 50 19.01 -12.82 14.52
CA SER A 50 18.09 -13.85 14.98
C SER A 50 18.48 -15.26 14.48
N SER A 51 18.18 -16.24 15.30
CA SER A 51 18.50 -17.64 15.00
C SER A 51 17.72 -18.55 15.98
N PRO A 52 17.68 -19.89 15.75
CA PRO A 52 17.04 -20.78 16.72
C PRO A 52 17.65 -20.69 18.13
N THR A 53 18.90 -20.22 18.25
CA THR A 53 19.57 -20.15 19.56
C THR A 53 19.61 -18.74 20.18
N SER A 54 18.81 -17.79 19.64
CA SER A 54 18.76 -16.45 20.20
C SER A 54 18.02 -16.45 21.53
N THR A 55 18.65 -15.88 22.57
CA THR A 55 18.09 -15.89 23.90
C THR A 55 17.48 -14.56 24.39
N THR A 56 17.58 -13.47 23.62
CA THR A 56 17.05 -12.17 24.08
C THR A 56 15.52 -12.07 23.96
N ARG A 57 14.84 -11.90 25.08
CA ARG A 57 13.38 -11.72 25.09
C ARG A 57 12.89 -11.19 26.43
N MET A 58 11.70 -10.58 26.44
CA MET A 58 11.01 -10.19 27.65
C MET A 58 10.29 -11.47 28.13
N GLU A 59 9.96 -11.54 29.43
CA GLU A 59 9.25 -12.71 29.96
C GLU A 59 7.81 -12.77 29.44
N LYS A 60 7.26 -13.98 29.29
CA LYS A 60 5.90 -14.17 28.79
C LYS A 60 4.84 -13.48 29.64
N GLU A 61 4.96 -13.56 30.97
CA GLU A 61 3.98 -12.91 31.86
C GLU A 61 4.04 -11.38 31.76
N TYR A 62 5.22 -10.84 31.56
CA TYR A 62 5.43 -9.41 31.37
C TYR A 62 4.77 -8.95 30.05
N ILE A 63 4.92 -9.76 28.98
CA ILE A 63 4.29 -9.48 27.70
C ILE A 63 2.77 -9.54 27.84
N ARG A 64 2.25 -10.50 28.61
CA ARG A 64 0.79 -10.61 28.86
C ARG A 64 0.26 -9.32 29.50
N GLU A 65 0.99 -8.80 30.49
CA GLU A 65 0.62 -7.57 31.19
C GLU A 65 0.63 -6.39 30.22
N LEU A 66 1.67 -6.29 29.37
CA LEU A 66 1.76 -5.24 28.35
C LEU A 66 0.58 -5.29 27.41
N VAL A 67 0.26 -6.47 26.86
CA VAL A 67 -0.84 -6.64 25.91
C VAL A 67 -2.17 -6.28 26.54
N THR A 68 -2.39 -6.69 27.80
CA THR A 68 -3.61 -6.38 28.53
C THR A 68 -3.76 -4.86 28.72
N GLU A 69 -2.66 -4.18 29.07
CA GLU A 69 -2.66 -2.75 29.24
C GLU A 69 -2.96 -2.03 27.90
N PHE A 70 -2.37 -2.51 26.79
CA PHE A 70 -2.60 -1.92 25.47
C PHE A 70 -4.03 -2.15 24.99
N ALA A 71 -4.61 -3.32 25.29
CA ALA A 71 -5.99 -3.64 24.94
C ALA A 71 -6.97 -2.75 25.74
N LYS A 72 -6.69 -2.52 27.04
CA LYS A 72 -7.55 -1.67 27.89
C LYS A 72 -7.37 -0.18 27.61
N ASN A 73 -6.24 0.24 27.04
CA ASN A 73 -5.95 1.65 26.75
C ASN A 73 -6.98 2.24 25.78
N LYS A 74 -7.53 3.42 26.09
CA LYS A 74 -8.57 4.00 25.25
C LYS A 74 -8.08 4.65 23.96
N THR A 75 -6.80 5.05 23.87
CA THR A 75 -6.27 5.71 22.70
C THR A 75 -5.68 4.77 21.65
N ILE A 76 -5.04 3.65 22.05
CA ILE A 76 -4.42 2.70 21.12
C ILE A 76 -5.49 2.06 20.22
N GLN A 77 -5.33 2.16 18.92
CA GLN A 77 -6.22 1.54 17.94
C GLN A 77 -5.55 0.28 17.35
N VAL A 78 -4.23 0.33 17.14
CA VAL A 78 -3.52 -0.76 16.52
C VAL A 78 -2.40 -1.32 17.38
N ILE A 79 -2.35 -2.66 17.49
CA ILE A 79 -1.29 -3.37 18.20
C ILE A 79 -0.58 -4.26 17.20
N SER A 80 0.73 -4.05 16.99
CA SER A 80 1.52 -4.86 16.06
C SER A 80 2.45 -5.80 16.76
N PHE A 81 2.66 -6.98 16.18
CA PHE A 81 3.57 -7.95 16.76
C PHE A 81 4.71 -8.21 15.79
N THR A 82 5.95 -8.26 16.30
CA THR A 82 7.13 -8.55 15.50
C THR A 82 8.16 -9.41 16.30
N GLY A 83 9.26 -9.81 15.66
CA GLY A 83 10.30 -10.63 16.28
C GLY A 83 11.66 -10.42 15.63
N GLY A 84 12.46 -11.47 15.42
CA GLY A 84 12.13 -12.87 15.67
C GLY A 84 11.03 -13.36 14.75
N GLU A 85 10.51 -14.57 15.01
CA GLU A 85 9.41 -15.08 14.21
C GLU A 85 8.22 -15.28 15.14
N VAL A 86 7.16 -14.46 15.01
CA VAL A 86 6.00 -14.51 15.91
C VAL A 86 5.17 -15.76 15.77
N PHE A 87 5.19 -16.41 14.60
CA PHE A 87 4.42 -17.63 14.44
C PHE A 87 5.13 -18.89 14.96
N LEU A 88 6.38 -18.76 15.44
CA LEU A 88 7.19 -19.85 15.96
C LEU A 88 6.52 -20.45 17.21
N ASP A 89 6.03 -19.59 18.09
CA ASP A 89 5.28 -20.05 19.25
C ASP A 89 3.87 -19.52 19.02
N TYR A 90 3.12 -20.18 18.14
CA TYR A 90 1.79 -19.74 17.74
C TYR A 90 0.78 -19.75 18.88
N LYS A 91 0.90 -20.72 19.78
CA LYS A 91 0.00 -20.82 20.93
C LYS A 91 0.03 -19.53 21.78
N PHE A 92 1.23 -18.97 21.99
CA PHE A 92 1.40 -17.73 22.75
C PHE A 92 0.88 -16.52 21.98
N LEU A 93 1.11 -16.47 20.65
CA LEU A 93 0.62 -15.39 19.80
C LEU A 93 -0.92 -15.37 19.81
N LYS A 94 -1.54 -16.53 19.68
CA LYS A 94 -2.99 -16.63 19.67
C LYS A 94 -3.55 -16.23 21.05
N GLU A 95 -2.89 -16.64 22.14
CA GLU A 95 -3.27 -16.26 23.49
C GLU A 95 -3.27 -14.70 23.65
N LEU A 96 -2.27 -14.02 23.13
CA LEU A 96 -2.17 -12.56 23.20
C LEU A 96 -3.25 -11.90 22.36
N MET A 97 -3.56 -12.47 21.19
CA MET A 97 -4.61 -11.99 20.30
C MET A 97 -6.00 -12.14 20.93
N GLU A 98 -6.20 -13.21 21.70
CA GLU A 98 -7.46 -13.43 22.39
C GLU A 98 -7.61 -12.51 23.62
N ILE A 99 -6.51 -12.04 24.23
CA ILE A 99 -6.61 -11.04 25.31
C ILE A 99 -7.17 -9.72 24.70
N ILE A 100 -6.71 -9.36 23.50
CA ILE A 100 -7.12 -8.15 22.79
C ILE A 100 -8.55 -8.19 22.27
N LYS A 101 -9.01 -9.36 21.80
CA LYS A 101 -10.33 -9.59 21.19
C LYS A 101 -11.53 -8.88 21.91
N PRO A 102 -11.77 -9.02 23.25
CA PRO A 102 -12.92 -8.30 23.84
C PRO A 102 -12.84 -6.77 23.74
N TYR A 103 -11.62 -6.23 23.58
CA TYR A 103 -11.42 -4.79 23.46
C TYR A 103 -11.47 -4.26 22.02
N GLU A 104 -11.59 -5.16 21.01
CA GLU A 104 -11.75 -4.86 19.59
C GLU A 104 -10.65 -3.97 18.97
N LYS A 105 -9.38 -4.18 19.35
CA LYS A 105 -8.30 -3.42 18.74
C LYS A 105 -7.88 -4.09 17.45
N GLN A 106 -7.33 -3.32 16.52
CA GLN A 106 -6.82 -3.88 15.27
C GLN A 106 -5.42 -4.45 15.50
N ILE A 107 -5.09 -5.53 14.81
CA ILE A 107 -3.79 -6.18 14.95
C ILE A 107 -3.04 -6.30 13.60
N THR A 108 -1.72 -6.08 13.60
CA THR A 108 -0.91 -6.32 12.39
C THR A 108 0.16 -7.34 12.73
N LEU A 109 0.48 -8.21 11.76
CA LEU A 109 1.49 -9.25 11.92
C LEU A 109 2.52 -9.21 10.77
N ILE A 110 3.75 -9.62 11.07
CA ILE A 110 4.82 -9.74 10.08
C ILE A 110 5.41 -11.14 10.30
N SER A 111 5.71 -11.86 9.21
CA SER A 111 6.20 -13.22 9.31
C SER A 111 7.08 -13.62 8.12
N ASN A 112 7.97 -14.60 8.34
CA ASN A 112 8.78 -15.21 7.28
C ASN A 112 7.97 -16.33 6.51
N GLY A 113 6.73 -16.59 6.94
CA GLY A 113 5.86 -17.56 6.32
C GLY A 113 6.30 -19.02 6.36
N PHE A 114 7.15 -19.41 7.34
CA PHE A 114 7.61 -20.81 7.43
C PHE A 114 6.43 -21.80 7.55
N TRP A 115 5.35 -21.34 8.21
CA TRP A 115 4.13 -22.10 8.45
C TRP A 115 3.31 -22.37 7.17
N GLY A 116 3.67 -21.72 6.07
CA GLY A 116 2.97 -21.91 4.81
C GLY A 116 3.18 -23.27 4.18
N LEU A 117 4.11 -24.11 4.72
CA LEU A 117 4.40 -25.42 4.14
C LEU A 117 3.13 -26.29 4.01
N SER A 118 2.26 -26.24 5.01
CA SER A 118 1.01 -26.99 4.99
C SER A 118 -0.19 -26.09 4.66
N LYS A 119 -0.96 -26.41 3.59
CA LYS A 119 -2.16 -25.62 3.25
C LYS A 119 -3.23 -25.70 4.34
N LYS A 120 -3.27 -26.81 5.10
CA LYS A 120 -4.22 -26.97 6.20
C LYS A 120 -3.87 -26.02 7.34
N LYS A 121 -2.54 -25.84 7.62
CA LYS A 121 -2.08 -24.89 8.64
C LYS A 121 -2.37 -23.44 8.22
N VAL A 122 -2.22 -23.15 6.92
CA VAL A 122 -2.51 -21.84 6.34
C VAL A 122 -4.01 -21.53 6.53
N GLN A 123 -4.88 -22.53 6.25
CA GLN A 123 -6.31 -22.35 6.44
C GLN A 123 -6.68 -22.02 7.88
N GLU A 124 -6.04 -22.71 8.83
CA GLU A 124 -6.24 -22.51 10.25
C GLU A 124 -5.78 -21.09 10.72
N TYR A 125 -4.56 -20.67 10.36
CA TYR A 125 -4.04 -19.37 10.78
C TYR A 125 -4.83 -18.22 10.16
N PHE A 126 -5.27 -18.35 8.90
CA PHE A 126 -6.08 -17.29 8.28
C PHE A 126 -7.46 -17.20 8.90
N HIS A 127 -8.02 -18.35 9.31
CA HIS A 127 -9.30 -18.39 9.99
C HIS A 127 -9.18 -17.65 11.33
N ASP A 128 -8.09 -17.92 12.08
CA ASP A 128 -7.82 -17.23 13.34
C ASP A 128 -7.55 -15.73 13.16
N MET A 129 -6.73 -15.32 12.19
CA MET A 129 -6.43 -13.92 11.94
C MET A 129 -7.69 -13.14 11.60
N ASN A 130 -8.56 -13.72 10.79
CA ASN A 130 -9.81 -13.09 10.41
C ASN A 130 -10.75 -12.94 11.62
N SER A 131 -10.81 -13.95 12.50
CA SER A 131 -11.68 -13.85 13.68
C SER A 131 -11.05 -13.04 14.83
N LEU A 132 -9.74 -12.70 14.74
CA LEU A 132 -9.07 -11.95 15.80
C LEU A 132 -8.68 -10.52 15.40
N ASN A 133 -9.35 -9.96 14.38
CA ASN A 133 -9.16 -8.59 13.94
CA ASN A 133 -9.19 -8.61 13.86
C ASN A 133 -7.75 -8.27 13.43
N VAL A 134 -7.12 -9.22 12.71
CA VAL A 134 -5.81 -8.97 12.15
C VAL A 134 -6.10 -8.25 10.81
N ILE A 135 -5.70 -6.99 10.69
CA ILE A 135 -6.00 -6.19 9.49
C ILE A 135 -4.89 -6.20 8.44
N ALA A 136 -3.69 -6.64 8.81
CA ALA A 136 -2.56 -6.64 7.89
C ALA A 136 -1.59 -7.72 8.24
N LEU A 137 -1.06 -8.38 7.20
CA LEU A 137 -0.07 -9.43 7.32
C LEU A 137 1.01 -9.14 6.29
N THR A 138 2.23 -8.96 6.77
CA THR A 138 3.37 -8.74 5.91
C THR A 138 4.20 -10.03 5.89
N ILE A 139 4.53 -10.51 4.69
CA ILE A 139 5.37 -11.69 4.51
C ILE A 139 6.70 -11.19 3.97
N SER A 140 7.81 -11.59 4.63
CA SER A 140 9.15 -11.26 4.18
C SER A 140 9.74 -12.45 3.48
N TYR A 141 10.11 -12.28 2.22
CA TYR A 141 10.74 -13.34 1.43
C TYR A 141 11.68 -12.67 0.47
N ASP A 142 12.88 -13.21 0.38
CA ASP A 142 13.96 -12.72 -0.47
C ASP A 142 15.05 -13.82 -0.50
N GLU A 143 16.23 -13.53 -1.12
CA GLU A 143 17.35 -14.48 -1.20
C GLU A 143 17.98 -14.75 0.14
N TYR A 144 17.87 -13.82 1.09
CA TYR A 144 18.40 -14.00 2.43
C TYR A 144 17.52 -14.94 3.26
N HIS A 145 16.20 -14.93 3.02
CA HIS A 145 15.23 -15.80 3.72
C HIS A 145 15.10 -17.19 3.03
N ALA A 146 15.36 -17.25 1.70
CA ALA A 146 15.22 -18.43 0.86
C ALA A 146 15.90 -19.71 1.37
N PRO A 147 17.11 -19.72 2.01
CA PRO A 147 17.64 -21.01 2.51
C PRO A 147 16.84 -21.61 3.68
N PHE A 148 15.93 -20.84 4.28
CA PHE A 148 15.20 -21.26 5.47
C PHE A 148 13.73 -21.54 5.23
N VAL A 149 13.16 -20.98 4.17
CA VAL A 149 11.73 -21.14 3.83
C VAL A 149 11.66 -21.45 2.35
N LYS A 150 10.87 -22.46 1.98
CA LYS A 150 10.76 -22.80 0.56
C LYS A 150 9.65 -21.96 -0.11
N SER A 151 9.85 -21.73 -1.41
CA SER A 151 9.01 -20.92 -2.27
C SER A 151 7.53 -21.32 -2.20
N SER A 152 7.24 -22.63 -2.23
CA SER A 152 5.89 -23.18 -2.15
C SER A 152 5.17 -22.77 -0.88
N SER A 153 5.91 -22.56 0.22
CA SER A 153 5.28 -22.13 1.47
C SER A 153 4.77 -20.69 1.35
N ILE A 154 5.55 -19.83 0.68
CA ILE A 154 5.15 -18.44 0.45
C ILE A 154 3.93 -18.40 -0.47
N LYS A 155 3.97 -19.19 -1.56
CA LYS A 155 2.87 -19.29 -2.51
C LYS A 155 1.57 -19.71 -1.85
N ASN A 156 1.61 -20.73 -0.96
CA ASN A 156 0.41 -21.16 -0.25
C ASN A 156 -0.26 -20.02 0.56
N ILE A 157 0.54 -19.20 1.25
CA ILE A 157 0.01 -18.09 2.03
C ILE A 157 -0.60 -17.02 1.13
N LEU A 158 0.14 -16.65 0.06
CA LEU A 158 -0.33 -15.63 -0.86
C LEU A 158 -1.62 -16.03 -1.59
N GLU A 159 -1.71 -17.29 -2.01
CA GLU A 159 -2.89 -17.80 -2.69
C GLU A 159 -4.09 -17.85 -1.78
N HIS A 160 -3.91 -18.35 -0.53
CA HIS A 160 -5.02 -18.42 0.39
C HIS A 160 -5.49 -17.00 0.86
N SER A 161 -4.59 -16.01 0.88
CA SER A 161 -4.98 -14.65 1.28
C SER A 161 -6.07 -14.04 0.38
N ARG A 162 -6.25 -14.56 -0.85
CA ARG A 162 -7.30 -14.09 -1.75
C ARG A 162 -8.70 -14.31 -1.16
N LYS A 163 -8.86 -15.32 -0.29
CA LYS A 163 -10.16 -15.56 0.36
C LYS A 163 -10.44 -14.58 1.53
N TYR A 164 -9.44 -13.78 1.94
CA TYR A 164 -9.57 -12.84 3.03
C TYR A 164 -9.19 -11.43 2.56
N PRO A 165 -10.08 -10.80 1.77
CA PRO A 165 -9.75 -9.46 1.23
C PRO A 165 -9.63 -8.34 2.25
N ASP A 166 -10.18 -8.52 3.46
CA ASP A 166 -10.05 -7.52 4.52
C ASP A 166 -8.69 -7.56 5.22
N ILE A 167 -7.84 -8.56 4.93
CA ILE A 167 -6.50 -8.60 5.48
C ILE A 167 -5.59 -8.03 4.41
N ASP A 168 -4.92 -6.91 4.69
CA ASP A 168 -4.01 -6.27 3.75
C ASP A 168 -2.71 -7.10 3.66
N ILE A 169 -2.42 -7.70 2.48
CA ILE A 169 -1.24 -8.56 2.27
C ILE A 169 -0.11 -7.85 1.55
N SER A 170 1.09 -7.91 2.13
CA SER A 170 2.31 -7.30 1.57
C SER A 170 3.44 -8.32 1.49
N LEU A 171 4.30 -8.21 0.48
CA LEU A 171 5.48 -9.02 0.35
C LEU A 171 6.65 -8.05 0.40
N ASN A 172 7.48 -8.14 1.44
CA ASN A 172 8.63 -7.29 1.63
C ASN A 172 9.91 -8.07 1.33
N MET A 173 10.73 -7.56 0.41
CA MET A 173 11.95 -8.25 -0.02
C MET A 173 13.17 -7.38 0.27
N ALA A 174 14.05 -7.85 1.15
CA ALA A 174 15.28 -7.14 1.48
C ALA A 174 16.34 -7.53 0.42
N VAL A 175 16.88 -6.54 -0.32
CA VAL A 175 17.80 -6.81 -1.42
C VAL A 175 19.16 -6.09 -1.27
N THR A 176 20.15 -6.61 -2.00
CA THR A 176 21.48 -6.05 -2.19
C THR A 176 21.79 -6.11 -3.70
N LYS A 177 22.85 -5.41 -4.18
CA LYS A 177 23.19 -5.40 -5.62
C LYS A 177 23.45 -6.77 -6.22
N ASP A 178 23.96 -7.69 -5.41
CA ASP A 178 24.27 -9.07 -5.79
C ASP A 178 23.08 -10.03 -5.54
N LYS A 179 22.07 -9.62 -4.76
CA LYS A 179 20.91 -10.43 -4.40
C LYS A 179 19.63 -9.59 -4.52
N MET A 180 19.19 -9.35 -5.76
CA MET A 180 18.06 -8.49 -6.13
C MET A 180 16.71 -9.18 -6.14
N SER A 181 16.66 -10.50 -5.84
CA SER A 181 15.44 -11.33 -5.77
C SER A 181 14.65 -11.39 -7.07
N ASN A 182 15.32 -11.31 -8.22
CA ASN A 182 14.64 -11.37 -9.51
C ASN A 182 14.09 -12.77 -9.77
N HIS A 183 14.88 -13.80 -9.49
CA HIS A 183 14.46 -15.17 -9.71
C HIS A 183 13.43 -15.63 -8.69
N ILE A 184 13.55 -15.16 -7.43
CA ILE A 184 12.61 -15.46 -6.34
C ILE A 184 11.17 -15.05 -6.74
N LEU A 185 11.03 -13.82 -7.25
CA LEU A 185 9.73 -13.29 -7.66
C LEU A 185 9.13 -14.06 -8.85
N GLU A 186 9.98 -14.50 -9.80
CA GLU A 186 9.51 -15.32 -10.91
C GLU A 186 9.03 -16.68 -10.41
N GLU A 187 9.78 -17.32 -9.50
CA GLU A 187 9.42 -18.64 -8.95
C GLU A 187 8.07 -18.60 -8.20
N LEU A 188 7.69 -17.43 -7.66
CA LEU A 188 6.38 -17.31 -6.99
C LEU A 188 5.19 -17.38 -7.98
N GLY A 189 5.46 -17.29 -9.29
CA GLY A 189 4.43 -17.38 -10.33
C GLY A 189 3.27 -16.41 -10.15
N ASP A 190 2.04 -16.88 -10.39
CA ASP A 190 0.87 -16.02 -10.27
C ASP A 190 0.36 -15.83 -8.82
N SER A 191 1.05 -16.41 -7.82
N SER A 191 1.05 -16.40 -7.83
CA SER A 191 0.64 -16.24 -6.43
CA SER A 191 0.66 -16.25 -6.43
C SER A 191 0.79 -14.79 -5.96
C SER A 191 0.79 -14.79 -5.96
N ILE A 192 1.64 -13.97 -6.64
CA ILE A 192 1.84 -12.58 -6.27
C ILE A 192 0.84 -11.60 -6.90
N LEU A 193 -0.09 -12.09 -7.73
CA LEU A 193 -1.06 -11.22 -8.37
C LEU A 193 -1.95 -10.55 -7.34
N GLY A 194 -2.02 -9.23 -7.38
CA GLY A 194 -2.81 -8.46 -6.42
C GLY A 194 -2.09 -8.17 -5.12
N VAL A 195 -0.86 -8.68 -4.92
CA VAL A 195 -0.09 -8.47 -3.70
C VAL A 195 0.84 -7.26 -3.88
N LYS A 196 0.90 -6.36 -2.86
CA LYS A 196 1.82 -5.23 -2.92
C LYS A 196 3.21 -5.74 -2.61
N ILE A 197 4.14 -5.54 -3.53
CA ILE A 197 5.51 -5.96 -3.34
C ILE A 197 6.41 -4.78 -3.20
N THR A 198 7.26 -4.80 -2.17
CA THR A 198 8.25 -3.74 -1.99
C THR A 198 9.61 -4.35 -1.77
N LYS A 199 10.55 -3.97 -2.62
CA LYS A 199 11.96 -4.33 -2.49
C LYS A 199 12.63 -3.15 -1.80
N PHE A 200 13.39 -3.41 -0.76
CA PHE A 200 14.04 -2.33 0.00
C PHE A 200 15.51 -2.64 0.24
N PRO A 201 16.35 -1.58 0.37
CA PRO A 201 17.77 -1.83 0.60
C PRO A 201 18.07 -2.17 2.08
N MET A 202 19.31 -2.58 2.33
CA MET A 202 19.76 -2.93 3.68
C MET A 202 20.17 -1.76 4.52
N ILE A 203 19.95 -1.91 5.81
CA ILE A 203 20.46 -1.03 6.83
C ILE A 203 21.63 -1.81 7.43
N SER A 204 22.79 -1.17 7.48
CA SER A 204 24.01 -1.81 7.97
C SER A 204 24.04 -1.93 9.50
N VAL A 205 23.30 -2.90 10.05
CA VAL A 205 23.16 -3.22 11.47
C VAL A 205 23.03 -4.73 11.60
N GLY A 206 23.34 -5.27 12.79
CA GLY A 206 23.25 -6.69 13.06
C GLY A 206 24.11 -7.50 12.12
N ALA A 207 23.59 -8.63 11.65
CA ALA A 207 24.32 -9.51 10.75
C ALA A 207 24.71 -8.85 9.40
N ALA A 208 23.95 -7.84 8.93
CA ALA A 208 24.28 -7.16 7.69
C ALA A 208 25.61 -6.39 7.78
N LYS A 209 25.99 -5.93 8.98
CA LYS A 209 27.26 -5.24 9.22
C LYS A 209 28.46 -6.11 8.90
N THR A 210 28.42 -7.40 9.24
CA THR A 210 29.58 -8.27 9.07
C THR A 210 29.46 -9.34 7.99
N ARG A 211 28.26 -9.65 7.52
CA ARG A 211 28.09 -10.71 6.52
C ARG A 211 27.79 -10.23 5.12
N ILE A 212 27.62 -8.92 4.93
CA ILE A 212 27.33 -8.36 3.61
C ILE A 212 28.42 -7.35 3.25
N LYS A 213 28.96 -7.44 2.02
CA LYS A 213 29.99 -6.48 1.59
C LYS A 213 29.34 -5.12 1.46
N GLN A 214 29.93 -4.07 2.07
CA GLN A 214 29.32 -2.74 2.04
C GLN A 214 29.10 -2.19 0.61
N GLU A 215 29.94 -2.59 -0.36
N GLU A 215 29.94 -2.60 -0.35
CA GLU A 215 29.78 -2.20 -1.77
CA GLU A 215 29.78 -2.20 -1.75
C GLU A 215 28.47 -2.77 -2.37
C GLU A 215 28.49 -2.78 -2.38
N ASN A 216 27.92 -3.86 -1.79
CA ASN A 216 26.67 -4.45 -2.27
C ASN A 216 25.42 -3.75 -1.70
N ILE A 217 25.59 -2.85 -0.72
CA ILE A 217 24.49 -2.11 -0.14
C ILE A 217 24.24 -0.87 -0.98
N HIS A 218 23.00 -0.68 -1.45
CA HIS A 218 22.66 0.46 -2.28
C HIS A 218 22.87 1.77 -1.53
N LYS A 219 23.39 2.80 -2.19
CA LYS A 219 23.61 4.10 -1.56
C LYS A 219 22.82 5.09 -2.34
N PHE A 220 21.68 5.51 -1.82
CA PHE A 220 20.81 6.46 -2.55
C PHE A 220 21.01 7.90 -2.16
N TYR A 221 21.44 8.11 -0.94
CA TYR A 221 21.57 9.43 -0.39
C TYR A 221 22.97 9.68 0.17
N SER A 222 23.29 10.96 0.36
CA SER A 222 24.56 11.39 0.92
C SER A 222 24.33 12.56 1.92
N LEU A 223 25.38 12.93 2.70
CA LEU A 223 25.37 14.03 3.65
C LEU A 223 24.95 15.39 3.01
N GLU A 224 24.99 15.49 1.65
CA GLU A 224 24.64 16.67 0.88
C GLU A 224 23.19 16.73 0.35
N ASP A 225 22.41 15.65 0.45
CA ASP A 225 21.00 15.65 -0.02
C ASP A 225 20.07 16.10 1.13
N GLU A 226 19.85 17.43 1.27
CA GLU A 226 19.07 18.05 2.37
C GLU A 226 17.59 17.67 2.43
N ASP A 227 16.96 17.34 1.30
CA ASP A 227 15.56 16.95 1.31
C ASP A 227 15.32 15.51 1.82
N SER A 228 16.40 14.73 2.00
CA SER A 228 16.28 13.38 2.54
C SER A 228 16.62 13.30 4.03
N LEU A 229 17.15 14.38 4.65
CA LEU A 229 17.58 14.31 6.04
C LEU A 229 16.44 14.58 7.05
N HIS A 230 15.35 13.81 6.92
CA HIS A 230 14.21 13.93 7.80
C HIS A 230 13.74 12.57 8.22
N CYS A 231 13.45 12.43 9.51
CA CYS A 231 12.97 11.17 10.06
C CYS A 231 11.58 10.88 9.48
N PRO A 232 11.34 9.66 9.01
CA PRO A 232 10.00 9.33 8.48
C PRO A 232 8.84 9.42 9.48
N GLY A 233 9.13 9.40 10.78
CA GLY A 233 8.10 9.50 11.82
C GLY A 233 8.25 8.50 12.94
N TYR A 234 7.85 8.90 14.14
CA TYR A 234 7.96 8.04 15.33
C TYR A 234 6.80 7.03 15.42
N ASP A 235 7.05 5.87 16.01
CA ASP A 235 6.11 4.77 16.21
C ASP A 235 6.65 3.90 17.37
N ILE A 236 6.01 3.92 18.54
CA ILE A 236 6.48 3.25 19.74
C ILE A 236 6.64 1.72 19.64
N VAL A 237 7.85 1.24 19.98
CA VAL A 237 8.13 -0.19 19.98
C VAL A 237 8.64 -0.66 21.34
N TYR A 238 7.99 -1.66 21.92
CA TYR A 238 8.43 -2.32 23.14
C TYR A 238 9.24 -3.52 22.61
N HIS A 239 10.57 -3.43 22.70
CA HIS A 239 11.50 -4.37 22.08
C HIS A 239 11.87 -5.59 22.93
N HIS A 240 12.39 -6.66 22.29
CA HIS A 240 12.78 -7.89 22.97
C HIS A 240 13.98 -7.72 23.94
N ASP A 241 14.70 -6.59 23.85
CA ASP A 241 15.76 -6.31 24.82
C ASP A 241 15.22 -5.66 26.12
N GLY A 242 13.90 -5.51 26.24
CA GLY A 242 13.29 -4.90 27.40
C GLY A 242 13.32 -3.38 27.36
N GLU A 243 13.80 -2.77 26.26
CA GLU A 243 13.80 -1.33 26.11
C GLU A 243 12.58 -0.89 25.27
N ILE A 244 12.34 0.43 25.20
CA ILE A 244 11.28 1.04 24.43
C ILE A 244 11.93 2.00 23.46
N TYR A 245 11.58 1.89 22.19
CA TYR A 245 12.18 2.69 21.14
C TYR A 245 11.17 3.61 20.47
N PRO A 246 11.63 4.76 19.96
CA PRO A 246 10.68 5.70 19.34
C PRO A 246 10.27 5.32 17.91
N CYS A 247 10.77 4.25 17.34
CA CYS A 247 10.40 3.82 15.99
C CYS A 247 10.65 2.31 15.82
N ALA A 248 10.26 1.74 14.66
CA ALA A 248 10.47 0.33 14.33
C ALA A 248 11.62 0.09 13.34
N SER A 249 12.38 1.13 12.99
CA SER A 249 13.50 0.96 12.05
C SER A 249 14.61 0.04 12.60
N PRO A 250 15.18 -0.84 11.76
CA PRO A 250 16.31 -1.69 12.22
C PRO A 250 17.47 -0.90 12.83
N ALA A 251 17.66 0.36 12.37
CA ALA A 251 18.73 1.20 12.87
C ALA A 251 18.57 1.64 14.34
N ILE A 252 17.33 1.91 14.80
CA ILE A 252 17.13 2.45 16.15
C ILE A 252 17.60 1.51 17.26
N PHE A 253 17.55 0.20 17.02
CA PHE A 253 17.89 -0.77 18.05
C PHE A 253 19.36 -0.81 18.43
N GLU A 254 20.24 -0.28 17.57
N GLU A 254 20.24 -0.29 17.55
CA GLU A 254 21.66 -0.14 17.89
CA GLU A 254 21.65 -0.15 17.87
C GLU A 254 21.93 1.19 18.67
C GLU A 254 21.96 1.25 18.50
N THR A 255 20.95 2.11 18.74
CA THR A 255 21.16 3.41 19.40
C THR A 255 20.88 3.33 20.90
N LYS A 256 21.26 4.37 21.62
CA LYS A 256 20.97 4.51 23.03
C LYS A 256 19.75 5.40 23.22
N ILE A 257 18.84 5.52 22.23
CA ILE A 257 17.64 6.33 22.39
C ILE A 257 16.53 5.44 22.91
N THR A 258 16.34 5.41 24.21
CA THR A 258 15.30 4.61 24.83
C THR A 258 14.31 5.47 25.57
N LEU A 259 13.09 5.00 25.65
CA LEU A 259 11.97 5.62 26.31
C LEU A 259 11.61 4.93 27.63
N ARG A 260 12.39 3.91 28.07
CA ARG A 260 12.11 3.24 29.32
C ARG A 260 12.93 3.80 30.49
N GLU A 261 12.25 4.17 31.58
CA GLU A 261 12.90 4.64 32.80
C GLU A 261 12.72 3.65 33.96
N GLU A 262 11.73 2.73 33.88
CA GLU A 262 11.52 1.73 34.91
C GLU A 262 10.81 0.49 34.36
N TYR A 263 10.94 -0.63 35.07
CA TYR A 263 10.37 -1.92 34.70
C TYR A 263 8.86 -1.88 34.49
N ASN A 264 8.11 -1.24 35.41
CA ASN A 264 6.66 -1.17 35.29
C ASN A 264 6.23 0.23 34.91
N GLN A 265 6.45 0.57 33.65
CA GLN A 265 6.12 1.87 33.11
C GLN A 265 4.82 1.78 32.33
N SER A 266 3.91 2.71 32.53
CA SER A 266 2.67 2.73 31.77
C SER A 266 2.88 3.31 30.33
N PHE A 267 1.93 3.04 29.45
CA PHE A 267 1.95 3.54 28.09
C PHE A 267 1.74 5.06 28.10
N GLU A 268 0.93 5.63 29.04
CA GLU A 268 0.76 7.10 29.19
C GLU A 268 2.14 7.73 29.44
N ARG A 269 2.92 7.09 30.32
CA ARG A 269 4.25 7.56 30.65
C ARG A 269 5.23 7.46 29.47
N THR A 270 5.20 6.36 28.71
CA THR A 270 6.01 6.19 27.50
C THR A 270 5.69 7.31 26.49
N VAL A 271 4.40 7.61 26.27
CA VAL A 271 3.96 8.66 25.37
C VAL A 271 4.41 10.04 25.84
N GLU A 272 4.31 10.29 27.15
CA GLU A 272 4.74 11.54 27.75
C GLU A 272 6.26 11.74 27.56
N LYS A 273 7.05 10.68 27.76
CA LYS A 273 8.50 10.73 27.58
C LYS A 273 8.86 10.98 26.10
N LEU A 274 8.17 10.33 25.16
CA LEU A 274 8.42 10.55 23.74
C LEU A 274 8.14 12.00 23.35
N ASN A 275 7.04 12.55 23.87
CA ASN A 275 6.64 13.92 23.57
C ASN A 275 7.48 14.98 24.28
N SER A 276 8.21 14.62 25.34
CA SER A 276 9.06 15.59 26.04
C SER A 276 10.57 15.36 25.84
N ASN A 277 10.96 14.35 25.04
CA ASN A 277 12.36 14.06 24.76
C ASN A 277 12.92 15.17 23.86
N LEU A 278 13.89 15.93 24.38
CA LEU A 278 14.52 17.07 23.70
C LEU A 278 15.25 16.69 22.41
N LEU A 279 16.03 15.60 22.43
CA LEU A 279 16.74 15.14 21.23
C LEU A 279 15.75 14.83 20.10
N LEU A 280 14.67 14.05 20.42
CA LEU A 280 13.65 13.68 19.45
C LEU A 280 12.78 14.87 19.01
N PHE A 281 12.61 15.88 19.86
CA PHE A 281 11.88 17.08 19.50
C PHE A 281 12.72 17.84 18.47
N ILE A 282 14.03 18.03 18.76
CA ILE A 282 14.93 18.72 17.84
C ILE A 282 15.06 17.97 16.50
N LEU A 283 15.12 16.63 16.55
CA LEU A 283 15.20 15.84 15.33
C LEU A 283 13.98 16.02 14.43
N ARG A 284 12.78 15.96 15.01
CA ARG A 284 11.55 16.12 14.26
C ARG A 284 11.40 17.55 13.68
N LYS A 285 11.67 18.56 14.49
CA LYS A 285 11.52 19.95 14.09
C LYS A 285 12.63 20.49 13.16
N GLU A 286 13.89 20.17 13.45
CA GLU A 286 15.02 20.69 12.71
C GLU A 286 15.62 19.75 11.68
N GLY A 287 15.32 18.48 11.77
CA GLY A 287 15.90 17.49 10.87
C GLY A 287 17.32 17.11 11.26
N PHE A 288 17.90 16.15 10.52
CA PHE A 288 19.26 15.68 10.74
C PHE A 288 20.33 16.71 10.47
N LYS A 289 20.04 17.74 9.64
CA LYS A 289 21.03 18.77 9.36
C LYS A 289 21.45 19.51 10.63
N TRP A 290 20.57 19.65 11.62
CA TRP A 290 20.91 20.31 12.88
C TRP A 290 22.09 19.54 13.56
N PHE A 291 21.99 18.21 13.61
CA PHE A 291 23.03 17.38 14.22
C PHE A 291 24.26 17.31 13.34
N LEU A 292 24.09 17.14 12.01
CA LEU A 292 25.21 17.04 11.07
C LEU A 292 26.04 18.30 10.96
N ASN A 293 25.40 19.48 11.01
CA ASN A 293 26.13 20.74 10.95
C ASN A 293 26.97 20.96 12.19
N ILE A 294 26.50 20.48 13.36
CA ILE A 294 27.29 20.57 14.57
C ILE A 294 28.59 19.74 14.41
N LEU A 295 28.47 18.50 13.93
CA LEU A 295 29.63 17.64 13.73
C LEU A 295 30.55 18.18 12.63
N LYS A 296 30.01 18.76 11.54
CA LYS A 296 30.85 19.36 10.48
C LYS A 296 31.60 20.58 11.01
N GLU A 297 30.90 21.46 11.72
CA GLU A 297 31.48 22.68 12.30
C GLU A 297 32.61 22.35 13.29
N ASN A 298 32.45 21.26 14.06
CA ASN A 298 33.44 20.82 15.03
C ASN A 298 34.39 19.74 14.50
N ASN A 299 34.38 19.46 13.20
CA ASN A 299 35.28 18.48 12.58
C ASN A 299 35.22 17.07 13.25
N LYS A 300 34.00 16.58 13.52
CA LYS A 300 33.76 15.30 14.18
C LYS A 300 33.13 14.25 13.28
N ILE A 301 33.00 14.48 11.96
CA ILE A 301 32.37 13.50 11.06
C ILE A 301 33.16 12.19 11.03
N GLU A 302 34.50 12.26 10.98
CA GLU A 302 35.32 11.05 10.95
C GLU A 302 35.39 10.36 12.30
N GLU A 303 35.49 11.15 13.40
CA GLU A 303 35.53 10.63 14.76
C GLU A 303 34.28 9.82 15.08
N PHE A 304 33.10 10.31 14.64
CA PHE A 304 31.81 9.67 14.85
C PHE A 304 31.49 8.56 13.81
N ASP A 305 32.35 8.38 12.78
CA ASP A 305 32.15 7.43 11.68
C ASP A 305 30.83 7.69 10.95
N ILE A 306 30.49 8.96 10.67
CA ILE A 306 29.25 9.24 9.94
C ILE A 306 29.51 8.86 8.47
N PRO A 307 28.65 7.99 7.90
CA PRO A 307 28.88 7.56 6.51
C PRO A 307 28.63 8.71 5.56
N TYR A 308 29.46 8.85 4.51
CA TYR A 308 29.17 9.89 3.52
C TYR A 308 27.92 9.49 2.75
N GLU A 309 27.77 8.21 2.41
CA GLU A 309 26.64 7.71 1.65
C GLU A 309 25.88 6.67 2.43
N PHE A 310 24.59 6.56 2.14
CA PHE A 310 23.73 5.65 2.89
C PHE A 310 22.55 5.18 2.08
N SER A 311 22.04 4.00 2.46
CA SER A 311 20.89 3.40 1.79
C SER A 311 19.56 4.08 2.14
N SER A 312 19.49 4.65 3.35
CA SER A 312 18.33 5.35 3.88
C SER A 312 18.73 6.33 4.99
N ILE A 313 17.87 7.30 5.33
CA ILE A 313 18.13 8.25 6.42
C ILE A 313 18.34 7.59 7.80
N CYS A 314 17.71 6.43 8.02
CA CYS A 314 17.88 5.68 9.25
C CYS A 314 19.36 5.26 9.47
N GLY A 315 20.13 5.11 8.40
CA GLY A 315 21.55 4.80 8.50
C GLY A 315 22.35 5.92 9.13
N VAL A 316 21.96 7.19 8.88
CA VAL A 316 22.59 8.38 9.46
C VAL A 316 22.22 8.45 10.94
N CYS A 317 20.92 8.23 11.25
CA CYS A 317 20.35 8.23 12.59
C CYS A 317 21.13 7.26 13.48
N GLY A 318 21.28 6.03 13.01
CA GLY A 318 22.00 4.98 13.71
C GLY A 318 23.45 5.34 14.00
N SER A 319 24.15 6.00 13.07
CA SER A 319 25.55 6.38 13.28
C SER A 319 25.73 7.66 14.15
N LEU A 320 24.71 8.52 14.23
CA LEU A 320 24.78 9.71 15.09
C LEU A 320 24.60 9.33 16.54
N PHE A 321 23.76 8.32 16.84
CA PHE A 321 23.33 8.07 18.20
C PHE A 321 23.59 6.65 18.75
N ASN A 322 24.52 5.88 18.15
CA ASN A 322 24.75 4.51 18.61
C ASN A 322 25.72 4.35 19.79
N SER A 323 25.99 5.42 20.52
CA SER A 323 26.80 5.35 21.74
C SER A 323 26.41 6.48 22.67
N ALA A 324 26.62 6.28 23.99
CA ALA A 324 26.30 7.31 24.97
C ALA A 324 27.21 8.53 24.77
N GLU A 325 28.46 8.34 24.36
CA GLU A 325 29.37 9.46 24.11
C GLU A 325 28.81 10.38 23.02
N LYS A 326 28.29 9.78 21.92
CA LYS A 326 27.75 10.53 20.79
C LYS A 326 26.52 11.33 21.20
N ILE A 327 25.60 10.70 21.94
CA ILE A 327 24.41 11.40 22.40
C ILE A 327 24.76 12.55 23.35
N ASN A 328 25.62 12.26 24.34
CA ASN A 328 26.08 13.25 25.32
C ASN A 328 26.84 14.40 24.66
N TYR A 329 27.49 14.14 23.51
CA TYR A 329 28.19 15.18 22.77
C TYR A 329 27.24 16.32 22.36
N PHE A 330 25.99 15.97 22.00
CA PHE A 330 25.02 16.98 21.58
C PHE A 330 24.38 17.76 22.72
N TYR A 331 24.50 17.28 23.96
CA TYR A 331 23.85 17.91 25.10
C TYR A 331 24.02 19.46 25.20
N PRO A 332 25.24 20.05 25.29
CA PRO A 332 25.32 21.52 25.43
C PRO A 332 24.62 22.29 24.29
N TYR A 333 24.62 21.70 23.08
CA TYR A 333 23.99 22.32 21.92
C TYR A 333 22.46 22.24 22.04
N MET A 334 21.95 21.11 22.54
CA MET A 334 20.52 20.92 22.73
C MET A 334 20.02 21.79 23.88
N GLU A 335 20.83 21.93 24.95
CA GLU A 335 20.54 22.79 26.11
C GLU A 335 20.47 24.26 25.66
N LYS A 336 21.38 24.67 24.74
CA LYS A 336 21.42 26.03 24.19
C LYS A 336 20.17 26.27 23.33
N TYR A 337 19.75 25.25 22.56
CA TYR A 337 18.55 25.31 21.72
C TYR A 337 17.30 25.48 22.60
N TYR A 338 17.27 24.78 23.74
CA TYR A 338 16.14 24.85 24.68
C TYR A 338 15.96 26.25 25.26
N ASN A 339 17.06 26.87 25.69
CA ASN A 339 17.04 28.22 26.21
C ASN A 339 16.62 29.24 25.16
N GLU A 340 17.11 29.10 23.91
CA GLU A 340 16.78 30.02 22.82
C GLU A 340 15.33 29.94 22.37
N ASN A 341 14.78 28.75 22.34
CA ASN A 341 13.39 28.52 21.96
C ASN A 341 12.61 28.08 23.23
N PHE A 342 11.28 27.89 23.14
CA PHE A 342 10.48 27.49 24.31
C PHE A 342 10.27 28.71 25.23
N ASN B 19 -23.23 16.30 16.05
CA ASN B 19 -23.94 16.04 17.31
C ASN B 19 -25.43 15.78 17.07
N LEU B 20 -25.91 14.59 17.49
CA LEU B 20 -27.29 14.10 17.29
C LEU B 20 -27.50 13.50 15.88
N TYR B 21 -26.40 13.24 15.14
CA TYR B 21 -26.49 12.65 13.81
C TYR B 21 -25.64 11.39 13.72
N PHE B 22 -26.23 10.31 13.19
CA PHE B 22 -25.49 9.09 12.95
C PHE B 22 -25.02 9.11 11.48
N GLN B 23 -24.23 8.11 11.06
CA GLN B 23 -23.68 8.06 9.70
C GLN B 23 -24.73 8.31 8.60
N GLY B 24 -24.41 9.25 7.71
CA GLY B 24 -25.29 9.55 6.59
C GLY B 24 -24.83 8.75 5.39
N HIS B 25 -24.85 9.38 4.21
CA HIS B 25 -24.40 8.73 3.00
C HIS B 25 -22.94 8.36 3.07
N MET B 26 -22.63 7.23 2.48
CA MET B 26 -21.26 6.79 2.31
C MET B 26 -20.78 7.23 0.91
N TYR B 27 -19.49 6.99 0.59
CA TYR B 27 -18.89 7.18 -0.74
C TYR B 27 -18.82 8.61 -1.22
N ASN B 28 -18.81 9.57 -0.29
CA ASN B 28 -18.73 10.97 -0.69
C ASN B 28 -17.39 11.62 -0.38
N LYS B 29 -16.36 10.85 0.02
CA LYS B 29 -15.05 11.42 0.33
C LYS B 29 -14.06 11.39 -0.82
N THR B 30 -14.33 10.61 -1.85
CA THR B 30 -13.44 10.52 -2.99
C THR B 30 -14.26 10.55 -4.28
N VAL B 31 -13.63 11.03 -5.35
CA VAL B 31 -14.25 11.08 -6.66
C VAL B 31 -13.14 10.97 -7.73
N SER B 32 -13.47 10.36 -8.88
CA SER B 32 -12.53 10.27 -9.99
C SER B 32 -13.13 10.85 -11.25
N ILE B 33 -12.30 11.48 -12.07
CA ILE B 33 -12.72 12.00 -13.35
C ILE B 33 -11.83 11.37 -14.41
N ASN B 34 -12.46 10.75 -15.41
CA ASN B 34 -11.73 10.24 -16.53
C ASN B 34 -11.77 11.37 -17.58
N LEU B 35 -10.63 12.05 -17.78
CA LEU B 35 -10.48 13.22 -18.64
C LEU B 35 -10.66 12.99 -20.14
N ASP B 36 -10.28 11.82 -20.64
CA ASP B 36 -10.34 11.56 -22.08
C ASP B 36 -10.01 10.11 -22.38
N SER B 37 -10.50 9.60 -23.51
CA SER B 37 -10.12 8.26 -23.96
C SER B 37 -8.77 8.33 -24.79
N ARG B 38 -8.36 9.54 -25.24
CA ARG B 38 -7.15 9.71 -26.04
C ARG B 38 -5.89 9.37 -25.25
N CYS B 39 -4.94 8.75 -25.92
CA CYS B 39 -3.71 8.29 -25.30
C CYS B 39 -2.60 8.23 -26.36
N ASN B 40 -1.33 8.32 -25.97
CA ASN B 40 -0.18 8.20 -26.93
C ASN B 40 0.07 6.70 -27.26
N ALA B 41 -0.25 5.81 -26.30
CA ALA B 41 -0.11 4.37 -26.41
C ALA B 41 -1.39 3.75 -27.04
N SER B 42 -1.31 2.49 -27.47
CA SER B 42 -2.41 1.71 -28.05
C SER B 42 -2.29 0.27 -27.47
N CYS B 43 -2.17 0.15 -26.13
CA CYS B 43 -2.02 -1.15 -25.47
C CYS B 43 -3.05 -2.20 -25.94
N ASP B 44 -2.58 -3.43 -26.15
CA ASP B 44 -3.44 -4.51 -26.61
C ASP B 44 -4.42 -5.04 -25.57
N HIS B 45 -4.29 -4.64 -24.31
CA HIS B 45 -5.22 -5.04 -23.25
C HIS B 45 -6.20 -3.91 -22.87
N CYS B 46 -5.94 -2.66 -23.34
CA CYS B 46 -6.70 -1.49 -22.90
C CYS B 46 -8.21 -1.67 -22.84
N CYS B 47 -8.74 -1.60 -21.61
CA CYS B 47 -10.18 -1.71 -21.33
C CYS B 47 -11.01 -0.66 -22.08
N PHE B 48 -10.39 0.45 -22.54
CA PHE B 48 -11.09 1.49 -23.29
C PHE B 48 -10.69 1.56 -24.76
N SER B 49 -9.81 0.64 -25.23
CA SER B 49 -9.25 0.63 -26.58
C SER B 49 -8.65 2.01 -26.93
N SER B 50 -7.99 2.63 -25.94
CA SER B 50 -7.38 3.94 -26.09
C SER B 50 -6.29 3.97 -27.17
N SER B 51 -6.17 5.10 -27.84
CA SER B 51 -5.21 5.30 -28.91
C SER B 51 -5.10 6.82 -29.22
N PRO B 52 -4.09 7.25 -30.01
CA PRO B 52 -4.02 8.68 -30.39
C PRO B 52 -5.27 9.18 -31.13
N THR B 53 -6.07 8.28 -31.74
CA THR B 53 -7.27 8.69 -32.48
C THR B 53 -8.60 8.49 -31.73
N SER B 54 -8.55 8.18 -30.41
CA SER B 54 -9.77 8.00 -29.63
C SER B 54 -10.50 9.32 -29.46
N THR B 55 -11.80 9.35 -29.77
CA THR B 55 -12.58 10.58 -29.71
C THR B 55 -13.57 10.70 -28.52
N THR B 56 -13.72 9.66 -27.69
CA THR B 56 -14.67 9.71 -26.58
C THR B 56 -14.19 10.56 -25.40
N ARG B 57 -14.88 11.67 -25.12
N ARG B 57 -14.90 11.65 -25.11
CA ARG B 57 -14.53 12.54 -24.00
CA ARG B 57 -14.53 12.54 -24.00
C ARG B 57 -15.66 13.52 -23.69
C ARG B 57 -15.68 13.50 -23.68
N MET B 58 -15.71 14.00 -22.43
CA MET B 58 -16.66 15.03 -22.03
C MET B 58 -16.00 16.36 -22.50
N GLU B 59 -16.79 17.43 -22.66
CA GLU B 59 -16.24 18.73 -23.08
C GLU B 59 -15.37 19.35 -21.99
N LYS B 60 -14.35 20.12 -22.39
CA LYS B 60 -13.43 20.75 -21.43
C LYS B 60 -14.12 21.67 -20.44
N GLU B 61 -15.08 22.49 -20.90
CA GLU B 61 -15.78 23.40 -20.00
C GLU B 61 -16.67 22.64 -19.01
N TYR B 62 -17.24 21.51 -19.42
CA TYR B 62 -18.04 20.66 -18.57
C TYR B 62 -17.16 20.04 -17.47
N ILE B 63 -15.94 19.60 -17.84
CA ILE B 63 -14.96 19.06 -16.90
C ILE B 63 -14.52 20.16 -15.90
N ARG B 64 -14.33 21.40 -16.37
CA ARG B 64 -13.98 22.52 -15.50
C ARG B 64 -15.06 22.75 -14.44
N GLU B 65 -16.35 22.70 -14.85
CA GLU B 65 -17.48 22.85 -13.94
C GLU B 65 -17.48 21.73 -12.91
N LEU B 66 -17.24 20.49 -13.35
CA LEU B 66 -17.17 19.33 -12.47
C LEU B 66 -16.08 19.51 -11.43
N VAL B 67 -14.86 19.85 -11.87
CA VAL B 67 -13.71 20.02 -10.98
C VAL B 67 -13.95 21.13 -9.97
N THR B 68 -14.54 22.25 -10.41
CA THR B 68 -14.88 23.39 -9.55
C THR B 68 -15.88 22.96 -8.46
N GLU B 69 -16.89 22.19 -8.86
CA GLU B 69 -17.89 21.69 -7.93
C GLU B 69 -17.25 20.73 -6.90
N PHE B 70 -16.33 19.83 -7.36
CA PHE B 70 -15.66 18.89 -6.48
C PHE B 70 -14.73 19.60 -5.50
N ALA B 71 -14.05 20.66 -5.96
CA ALA B 71 -13.17 21.46 -5.12
C ALA B 71 -13.98 22.22 -4.04
N LYS B 72 -15.15 22.78 -4.41
CA LYS B 72 -16.00 23.51 -3.46
C LYS B 72 -16.76 22.59 -2.50
N ASN B 73 -16.97 21.31 -2.88
CA ASN B 73 -17.72 20.33 -2.09
C ASN B 73 -17.10 20.12 -0.71
N LYS B 74 -17.93 20.08 0.32
CA LYS B 74 -17.45 19.94 1.69
C LYS B 74 -17.06 18.52 2.11
N THR B 75 -17.56 17.45 1.44
CA THR B 75 -17.19 16.08 1.86
C THR B 75 -16.00 15.50 1.07
N ILE B 76 -15.83 15.90 -0.21
CA ILE B 76 -14.74 15.35 -1.01
C ILE B 76 -13.37 15.73 -0.46
N GLN B 77 -12.52 14.75 -0.20
CA GLN B 77 -11.18 14.96 0.28
C GLN B 77 -10.17 14.69 -0.86
N VAL B 78 -10.43 13.67 -1.69
CA VAL B 78 -9.52 13.24 -2.76
C VAL B 78 -10.16 13.30 -4.14
N ILE B 79 -9.48 13.97 -5.07
CA ILE B 79 -9.93 14.03 -6.46
C ILE B 79 -8.89 13.29 -7.30
N SER B 80 -9.28 12.23 -8.02
CA SER B 80 -8.37 11.46 -8.86
C SER B 80 -8.62 11.70 -10.32
N PHE B 81 -7.55 11.70 -11.12
CA PHE B 81 -7.66 11.90 -12.55
C PHE B 81 -7.17 10.65 -13.26
N THR B 82 -7.91 10.22 -14.28
CA THR B 82 -7.52 9.06 -15.09
C THR B 82 -7.92 9.29 -16.58
N GLY B 83 -7.55 8.34 -17.45
CA GLY B 83 -7.85 8.40 -18.87
C GLY B 83 -7.94 7.02 -19.50
N GLY B 84 -7.38 6.81 -20.69
CA GLY B 84 -6.62 7.80 -21.42
C GLY B 84 -5.30 8.13 -20.72
N GLU B 85 -4.54 9.06 -21.30
CA GLU B 85 -3.30 9.49 -20.70
C GLU B 85 -3.47 10.94 -20.26
N VAL B 86 -3.56 11.19 -18.95
CA VAL B 86 -3.82 12.54 -18.43
C VAL B 86 -2.69 13.51 -18.65
N PHE B 87 -1.45 13.04 -18.81
CA PHE B 87 -0.33 13.94 -19.06
C PHE B 87 -0.17 14.33 -20.54
N LEU B 88 -1.01 13.76 -21.43
CA LEU B 88 -0.98 14.04 -22.87
C LEU B 88 -1.34 15.50 -23.12
N ASP B 89 -2.35 16.00 -22.43
CA ASP B 89 -2.74 17.40 -22.50
C ASP B 89 -2.43 17.95 -21.11
N TYR B 90 -1.14 18.17 -20.84
CA TYR B 90 -0.68 18.61 -19.53
C TYR B 90 -1.18 19.99 -19.16
N LYS B 91 -1.31 20.89 -20.14
CA LYS B 91 -1.79 22.25 -19.88
C LYS B 91 -3.18 22.23 -19.22
N PHE B 92 -4.07 21.35 -19.72
CA PHE B 92 -5.41 21.20 -19.18
C PHE B 92 -5.42 20.54 -17.81
N LEU B 93 -4.54 19.55 -17.59
CA LEU B 93 -4.40 18.87 -16.29
C LEU B 93 -3.93 19.86 -15.22
N LYS B 94 -2.92 20.70 -15.54
CA LYS B 94 -2.41 21.68 -14.59
C LYS B 94 -3.48 22.75 -14.28
N GLU B 95 -4.27 23.14 -15.27
N GLU B 95 -4.29 23.12 -15.28
CA GLU B 95 -5.35 24.11 -15.04
CA GLU B 95 -5.40 24.08 -15.12
C GLU B 95 -6.40 23.52 -14.06
C GLU B 95 -6.45 23.54 -14.15
N LEU B 96 -6.75 22.24 -14.22
CA LEU B 96 -7.71 21.60 -13.33
C LEU B 96 -7.17 21.51 -11.90
N MET B 97 -5.88 21.20 -11.77
CA MET B 97 -5.19 21.13 -10.50
C MET B 97 -5.12 22.50 -9.81
N GLU B 98 -4.95 23.57 -10.60
CA GLU B 98 -4.93 24.91 -10.05
C GLU B 98 -6.33 25.39 -9.62
N ILE B 99 -7.40 24.86 -10.23
CA ILE B 99 -8.77 25.19 -9.77
C ILE B 99 -8.95 24.62 -8.32
N ILE B 100 -8.43 23.41 -8.08
CA ILE B 100 -8.52 22.72 -6.81
C ILE B 100 -7.67 23.35 -5.71
N LYS B 101 -6.48 23.84 -6.07
CA LYS B 101 -5.46 24.39 -5.16
C LYS B 101 -6.02 25.32 -4.02
N PRO B 102 -6.83 26.39 -4.29
CA PRO B 102 -7.33 27.21 -3.15
C PRO B 102 -8.18 26.43 -2.15
N TYR B 103 -8.80 25.33 -2.57
CA TYR B 103 -9.65 24.51 -1.71
C TYR B 103 -8.91 23.41 -0.96
N GLU B 104 -7.60 23.23 -1.23
CA GLU B 104 -6.70 22.29 -0.57
C GLU B 104 -7.14 20.83 -0.57
N LYS B 105 -7.71 20.34 -1.68
CA LYS B 105 -8.07 18.93 -1.78
C LYS B 105 -6.83 18.13 -2.19
N GLN B 106 -6.79 16.85 -1.81
CA GLN B 106 -5.71 15.97 -2.22
C GLN B 106 -5.98 15.46 -3.63
N ILE B 107 -4.93 15.28 -4.43
CA ILE B 107 -5.07 14.80 -5.81
C ILE B 107 -4.25 13.51 -6.05
N THR B 108 -4.79 12.56 -6.82
CA THR B 108 -4.03 11.37 -7.22
C THR B 108 -4.01 11.31 -8.73
N LEU B 109 -2.88 10.85 -9.29
CA LEU B 109 -2.68 10.73 -10.73
C LEU B 109 -2.20 9.33 -11.11
N ILE B 110 -2.56 8.90 -12.31
CA ILE B 110 -2.10 7.64 -12.88
C ILE B 110 -1.59 7.98 -14.28
N SER B 111 -0.46 7.39 -14.68
CA SER B 111 0.15 7.71 -15.97
C SER B 111 0.95 6.56 -16.52
N ASN B 112 1.10 6.52 -17.83
CA ASN B 112 1.97 5.55 -18.50
C ASN B 112 3.48 6.03 -18.50
N GLY B 113 3.74 7.24 -17.98
CA GLY B 113 5.08 7.80 -17.86
C GLY B 113 5.79 8.13 -19.15
N PHE B 114 5.04 8.37 -20.26
CA PHE B 114 5.66 8.71 -21.54
C PHE B 114 6.56 9.94 -21.43
N TRP B 115 6.17 10.89 -20.56
CA TRP B 115 6.85 12.15 -20.29
C TRP B 115 8.20 11.97 -19.60
N GLY B 116 8.54 10.75 -19.13
CA GLY B 116 9.84 10.43 -18.54
C GLY B 116 11.01 10.52 -19.51
N LEU B 117 10.74 10.48 -20.81
CA LEU B 117 11.73 10.58 -21.89
C LEU B 117 12.48 11.94 -21.83
N SER B 118 11.79 13.00 -21.37
CA SER B 118 12.31 14.33 -21.20
C SER B 118 12.65 14.60 -19.71
N LYS B 119 13.93 14.86 -19.40
CA LYS B 119 14.32 15.19 -18.01
C LYS B 119 13.75 16.55 -17.58
N LYS B 120 13.49 17.46 -18.55
CA LYS B 120 12.93 18.77 -18.28
C LYS B 120 11.47 18.63 -17.83
N LYS B 121 10.70 17.76 -18.49
CA LYS B 121 9.32 17.47 -18.11
C LYS B 121 9.29 16.76 -16.77
N VAL B 122 10.22 15.83 -16.52
CA VAL B 122 10.29 15.14 -15.23
C VAL B 122 10.51 16.16 -14.07
N GLN B 123 11.49 17.06 -14.21
CA GLN B 123 11.76 18.11 -13.24
C GLN B 123 10.51 19.02 -12.99
N GLU B 124 9.94 19.59 -14.08
CA GLU B 124 8.78 20.48 -14.07
C GLU B 124 7.49 19.82 -13.53
N TYR B 125 7.21 18.58 -13.94
CA TYR B 125 5.99 17.90 -13.52
C TYR B 125 5.99 17.54 -12.05
N PHE B 126 7.15 17.10 -11.53
CA PHE B 126 7.24 16.79 -10.11
C PHE B 126 7.16 18.04 -9.27
N HIS B 127 7.71 19.16 -9.77
CA HIS B 127 7.64 20.43 -9.07
C HIS B 127 6.18 20.86 -8.97
N ASP B 128 5.44 20.74 -10.09
CA ASP B 128 4.00 21.06 -10.11
C ASP B 128 3.17 20.13 -9.23
N MET B 129 3.39 18.81 -9.28
CA MET B 129 2.64 17.86 -8.46
C MET B 129 2.84 18.16 -6.97
N ASN B 130 4.07 18.45 -6.57
CA ASN B 130 4.39 18.76 -5.19
C ASN B 130 3.72 20.06 -4.73
N SER B 131 3.67 21.08 -5.60
CA SER B 131 3.03 22.32 -5.21
C SER B 131 1.50 22.30 -5.37
N LEU B 132 0.94 21.26 -6.02
CA LEU B 132 -0.50 21.18 -6.24
C LEU B 132 -1.20 20.07 -5.43
N ASN B 133 -0.58 19.63 -4.33
N ASN B 133 -0.56 19.63 -4.33
CA ASN B 133 -1.15 18.63 -3.42
CA ASN B 133 -1.05 18.62 -3.39
C ASN B 133 -1.41 17.27 -4.06
C ASN B 133 -1.39 17.27 -4.04
N VAL B 134 -0.52 16.82 -4.97
CA VAL B 134 -0.68 15.51 -5.58
C VAL B 134 -0.03 14.57 -4.56
N ILE B 135 -0.83 13.70 -3.93
CA ILE B 135 -0.32 12.83 -2.88
C ILE B 135 0.11 11.45 -3.38
N ALA B 136 -0.31 11.07 -4.59
CA ALA B 136 0.00 9.75 -5.11
C ALA B 136 0.06 9.80 -6.61
N LEU B 137 1.06 9.10 -7.15
CA LEU B 137 1.25 8.95 -8.56
C LEU B 137 1.47 7.46 -8.83
N THR B 138 0.65 6.87 -9.69
CA THR B 138 0.81 5.49 -10.08
C THR B 138 1.32 5.48 -11.51
N ILE B 139 2.39 4.75 -11.75
CA ILE B 139 2.93 4.58 -13.09
C ILE B 139 2.55 3.18 -13.54
N SER B 140 2.01 3.06 -14.75
CA SER B 140 1.66 1.78 -15.36
C SER B 140 2.73 1.39 -16.36
N TYR B 141 3.38 0.25 -16.13
CA TYR B 141 4.40 -0.24 -17.04
C TYR B 141 4.36 -1.74 -16.99
N ASP B 142 4.43 -2.36 -18.17
CA ASP B 142 4.36 -3.81 -18.38
C ASP B 142 4.72 -4.11 -19.85
N GLU B 143 4.56 -5.37 -20.29
CA GLU B 143 4.87 -5.74 -21.67
C GLU B 143 3.88 -5.18 -22.68
N TYR B 144 2.65 -4.88 -22.26
CA TYR B 144 1.63 -4.28 -23.11
C TYR B 144 1.91 -2.78 -23.32
N HIS B 145 2.52 -2.11 -22.32
CA HIS B 145 2.87 -0.68 -22.40
C HIS B 145 4.23 -0.47 -23.09
N ALA B 146 5.15 -1.45 -22.94
CA ALA B 146 6.53 -1.41 -23.42
C ALA B 146 6.73 -1.00 -24.89
N PRO B 147 5.88 -1.35 -25.90
CA PRO B 147 6.13 -0.87 -27.27
C PRO B 147 5.96 0.64 -27.45
N PHE B 148 5.35 1.32 -26.48
CA PHE B 148 5.02 2.74 -26.59
C PHE B 148 5.85 3.65 -25.68
N VAL B 149 6.43 3.09 -24.62
CA VAL B 149 7.23 3.84 -23.64
C VAL B 149 8.50 3.05 -23.38
N LYS B 150 9.67 3.72 -23.41
CA LYS B 150 10.95 3.08 -23.12
C LYS B 150 11.17 2.90 -21.62
N SER B 151 11.91 1.86 -21.24
CA SER B 151 12.28 1.52 -19.87
C SER B 151 12.97 2.71 -19.17
N SER B 152 13.93 3.35 -19.85
CA SER B 152 14.68 4.50 -19.35
C SER B 152 13.77 5.66 -18.99
N SER B 153 12.61 5.83 -19.67
CA SER B 153 11.65 6.88 -19.33
C SER B 153 11.01 6.59 -17.96
N ILE B 154 10.69 5.32 -17.70
CA ILE B 154 10.11 4.89 -16.42
C ILE B 154 11.12 5.10 -15.31
N LYS B 155 12.38 4.69 -15.56
CA LYS B 155 13.48 4.83 -14.61
C LYS B 155 13.71 6.28 -14.21
N ASN B 156 13.69 7.23 -15.18
CA ASN B 156 13.85 8.64 -14.86
C ASN B 156 12.76 9.14 -13.88
N ILE B 157 11.51 8.71 -14.05
CA ILE B 157 10.42 9.14 -13.16
C ILE B 157 10.63 8.53 -11.76
N LEU B 158 10.92 7.21 -11.71
CA LEU B 158 11.10 6.53 -10.44
C LEU B 158 12.27 7.09 -9.64
N GLU B 159 13.38 7.39 -10.32
CA GLU B 159 14.56 7.93 -9.66
C GLU B 159 14.34 9.33 -9.16
N HIS B 160 13.71 10.20 -9.97
CA HIS B 160 13.43 11.56 -9.53
C HIS B 160 12.36 11.61 -8.41
N SER B 161 11.44 10.62 -8.32
CA SER B 161 10.45 10.58 -7.24
C SER B 161 11.08 10.50 -5.86
N ARG B 162 12.35 10.06 -5.75
CA ARG B 162 13.06 10.00 -4.46
C ARG B 162 13.25 11.39 -3.84
N LYS B 163 13.28 12.45 -4.67
CA LYS B 163 13.37 13.81 -4.15
C LYS B 163 12.03 14.33 -3.60
N TYR B 164 10.92 13.60 -3.83
CA TYR B 164 9.58 14.00 -3.39
C TYR B 164 8.95 12.89 -2.55
N PRO B 165 9.45 12.70 -1.31
CA PRO B 165 8.95 11.59 -0.47
C PRO B 165 7.50 11.68 -0.05
N ASP B 166 6.88 12.89 -0.13
CA ASP B 166 5.45 13.04 0.21
C ASP B 166 4.52 12.57 -0.92
N ILE B 167 5.06 12.24 -2.10
CA ILE B 167 4.24 11.70 -3.18
C ILE B 167 4.40 10.20 -3.12
N ASP B 168 3.32 9.48 -2.86
CA ASP B 168 3.30 8.02 -2.78
C ASP B 168 3.42 7.44 -4.21
N ILE B 169 4.52 6.73 -4.50
CA ILE B 169 4.76 6.20 -5.84
C ILE B 169 4.40 4.72 -5.96
N SER B 170 3.65 4.34 -6.98
CA SER B 170 3.32 2.91 -7.20
C SER B 170 3.58 2.54 -8.66
N LEU B 171 3.81 1.27 -8.91
CA LEU B 171 4.04 0.73 -10.24
C LEU B 171 3.03 -0.39 -10.43
N ASN B 172 2.10 -0.21 -11.36
CA ASN B 172 1.06 -1.18 -11.67
C ASN B 172 1.39 -1.89 -12.97
N MET B 173 1.45 -3.22 -12.95
CA MET B 173 1.79 -4.00 -14.13
C MET B 173 0.65 -4.97 -14.48
N ALA B 174 0.05 -4.78 -15.66
CA ALA B 174 -1.01 -5.66 -16.14
C ALA B 174 -0.34 -6.87 -16.83
N VAL B 175 -0.60 -8.09 -16.34
CA VAL B 175 0.05 -9.29 -16.84
C VAL B 175 -0.92 -10.37 -17.35
N THR B 176 -0.40 -11.28 -18.18
CA THR B 176 -1.04 -12.49 -18.69
C THR B 176 -0.03 -13.62 -18.53
N LYS B 177 -0.44 -14.90 -18.68
CA LYS B 177 0.47 -16.03 -18.49
C LYS B 177 1.70 -16.01 -19.40
N ASP B 178 1.52 -15.48 -20.62
CA ASP B 178 2.57 -15.36 -21.63
C ASP B 178 3.37 -14.04 -21.50
N LYS B 179 2.84 -13.04 -20.74
CA LYS B 179 3.47 -11.74 -20.55
C LYS B 179 3.43 -11.33 -19.07
N MET B 180 4.29 -11.95 -18.25
CA MET B 180 4.36 -11.79 -16.80
C MET B 180 5.22 -10.63 -16.30
N SER B 181 5.87 -9.88 -17.21
CA SER B 181 6.72 -8.72 -16.92
C SER B 181 7.93 -9.03 -16.03
N ASN B 182 8.48 -10.24 -16.11
CA ASN B 182 9.65 -10.58 -15.28
C ASN B 182 10.90 -9.83 -15.74
N HIS B 183 11.11 -9.74 -17.04
CA HIS B 183 12.28 -9.05 -17.59
C HIS B 183 12.15 -7.54 -17.46
N ILE B 184 10.90 -7.00 -17.58
CA ILE B 184 10.56 -5.57 -17.42
C ILE B 184 11.03 -5.05 -16.05
N LEU B 185 10.72 -5.79 -15.01
CA LEU B 185 11.07 -5.43 -13.64
C LEU B 185 12.58 -5.48 -13.40
N GLU B 186 13.28 -6.45 -14.00
CA GLU B 186 14.74 -6.53 -13.89
C GLU B 186 15.39 -5.35 -14.60
N GLU B 187 14.91 -5.00 -15.81
CA GLU B 187 15.46 -3.88 -16.59
C GLU B 187 15.33 -2.54 -15.85
N LEU B 188 14.32 -2.40 -14.97
CA LEU B 188 14.18 -1.18 -14.17
C LEU B 188 15.29 -0.99 -13.10
N GLY B 189 16.07 -2.05 -12.84
CA GLY B 189 17.17 -2.01 -11.90
C GLY B 189 16.81 -1.55 -10.50
N ASP B 190 17.67 -0.72 -9.88
CA ASP B 190 17.37 -0.24 -8.53
C ASP B 190 16.41 0.94 -8.46
N SER B 191 15.85 1.39 -9.59
CA SER B 191 14.88 2.49 -9.57
C SER B 191 13.57 2.09 -8.90
N ILE B 192 13.31 0.78 -8.77
CA ILE B 192 12.09 0.31 -8.10
C ILE B 192 12.23 0.18 -6.60
N LEU B 193 13.42 0.43 -6.02
CA LEU B 193 13.60 0.31 -4.57
C LEU B 193 12.72 1.32 -3.84
N GLY B 194 11.93 0.79 -2.90
CA GLY B 194 10.99 1.56 -2.12
C GLY B 194 9.66 1.80 -2.83
N VAL B 195 9.51 1.34 -4.08
CA VAL B 195 8.28 1.53 -4.85
C VAL B 195 7.33 0.33 -4.65
N LYS B 196 6.04 0.58 -4.42
CA LYS B 196 5.07 -0.50 -4.27
C LYS B 196 4.73 -1.00 -5.63
N ILE B 197 4.98 -2.28 -5.88
CA ILE B 197 4.68 -2.89 -7.15
C ILE B 197 3.50 -3.84 -7.02
N THR B 198 2.54 -3.72 -7.94
CA THR B 198 1.44 -4.66 -7.98
C THR B 198 1.26 -5.17 -9.40
N LYS B 199 1.34 -6.48 -9.56
CA LYS B 199 1.06 -7.16 -10.82
C LYS B 199 -0.39 -7.63 -10.70
N PHE B 200 -1.20 -7.37 -11.73
CA PHE B 200 -2.61 -7.76 -11.68
C PHE B 200 -3.03 -8.45 -12.97
N PRO B 201 -4.02 -9.35 -12.90
CA PRO B 201 -4.50 -10.03 -14.12
C PRO B 201 -5.42 -9.15 -14.96
N MET B 202 -5.75 -9.63 -16.16
CA MET B 202 -6.62 -8.91 -17.07
C MET B 202 -8.09 -9.11 -16.82
N ILE B 203 -8.85 -8.07 -17.10
CA ILE B 203 -10.30 -8.14 -17.12
C ILE B 203 -10.63 -8.19 -18.62
N SER B 204 -11.43 -9.17 -19.01
CA SER B 204 -11.77 -9.36 -20.42
C SER B 204 -12.81 -8.35 -20.91
N VAL B 205 -12.36 -7.12 -21.18
CA VAL B 205 -13.14 -5.98 -21.67
C VAL B 205 -12.24 -5.19 -22.62
N GLY B 206 -12.86 -4.38 -23.49
CA GLY B 206 -12.12 -3.55 -24.44
C GLY B 206 -11.23 -4.37 -25.35
N ALA B 207 -10.01 -3.87 -25.59
CA ALA B 207 -9.05 -4.55 -26.46
C ALA B 207 -8.61 -5.93 -25.93
N ALA B 208 -8.69 -6.17 -24.61
CA ALA B 208 -8.32 -7.49 -24.05
C ALA B 208 -9.27 -8.59 -24.52
N LYS B 209 -10.54 -8.24 -24.80
CA LYS B 209 -11.53 -9.19 -25.29
C LYS B 209 -11.14 -9.82 -26.64
N THR B 210 -10.56 -9.02 -27.54
CA THR B 210 -10.26 -9.49 -28.89
C THR B 210 -8.78 -9.67 -29.22
N ARG B 211 -7.88 -9.07 -28.46
CA ARG B 211 -6.45 -9.16 -28.77
C ARG B 211 -5.65 -10.08 -27.85
N ILE B 212 -6.29 -10.63 -26.81
CA ILE B 212 -5.60 -11.54 -25.90
C ILE B 212 -6.31 -12.91 -25.92
N LYS B 213 -5.54 -14.01 -26.02
CA LYS B 213 -6.13 -15.35 -25.98
C LYS B 213 -6.69 -15.58 -24.59
N GLN B 214 -7.95 -16.01 -24.46
CA GLN B 214 -8.57 -16.19 -23.16
C GLN B 214 -7.81 -17.21 -22.27
N GLU B 215 -7.09 -18.14 -22.90
CA GLU B 215 -6.23 -19.15 -22.24
C GLU B 215 -5.11 -18.46 -21.44
N ASN B 216 -4.66 -17.29 -21.90
CA ASN B 216 -3.58 -16.54 -21.27
C ASN B 216 -4.05 -15.67 -20.08
N ILE B 217 -5.37 -15.54 -19.88
CA ILE B 217 -5.91 -14.77 -18.77
C ILE B 217 -6.02 -15.67 -17.55
N HIS B 218 -5.41 -15.26 -16.44
CA HIS B 218 -5.43 -16.02 -15.19
C HIS B 218 -6.85 -16.21 -14.68
N LYS B 219 -7.19 -17.39 -14.17
CA LYS B 219 -8.53 -17.65 -13.64
C LYS B 219 -8.39 -18.01 -12.18
N PHE B 220 -8.67 -17.09 -11.27
CA PHE B 220 -8.51 -17.34 -9.83
C PHE B 220 -9.82 -17.64 -9.14
N TYR B 221 -10.95 -17.17 -9.67
CA TYR B 221 -12.24 -17.39 -9.04
C TYR B 221 -13.14 -18.26 -9.87
N SER B 222 -13.96 -19.06 -9.21
CA SER B 222 -14.94 -19.89 -9.87
C SER B 222 -16.30 -19.64 -9.23
N LEU B 223 -17.37 -20.05 -9.89
CA LEU B 223 -18.71 -19.87 -9.34
C LEU B 223 -18.90 -20.64 -8.01
N GLU B 224 -18.22 -21.78 -7.84
CA GLU B 224 -18.36 -22.58 -6.63
C GLU B 224 -17.77 -21.94 -5.35
N ASP B 225 -16.91 -20.90 -5.46
CA ASP B 225 -16.38 -20.24 -4.27
C ASP B 225 -17.12 -18.91 -3.98
N GLU B 226 -18.46 -18.97 -3.83
CA GLU B 226 -19.30 -17.81 -3.51
C GLU B 226 -18.94 -17.17 -2.14
N ASP B 227 -18.30 -17.94 -1.27
CA ASP B 227 -17.84 -17.53 0.06
C ASP B 227 -16.98 -16.26 0.03
N SER B 228 -16.02 -16.22 -0.90
CA SER B 228 -15.09 -15.08 -1.01
C SER B 228 -15.49 -14.04 -2.09
N LEU B 229 -16.73 -14.14 -2.63
CA LEU B 229 -17.18 -13.22 -3.66
C LEU B 229 -17.96 -12.02 -3.13
N HIS B 230 -17.24 -10.96 -2.80
CA HIS B 230 -17.82 -9.70 -2.34
C HIS B 230 -17.15 -8.53 -3.06
N CYS B 231 -17.92 -7.50 -3.38
CA CYS B 231 -17.42 -6.32 -4.07
C CYS B 231 -16.37 -5.61 -3.20
N PRO B 232 -15.22 -5.25 -3.79
CA PRO B 232 -14.19 -4.55 -3.00
C PRO B 232 -14.56 -3.18 -2.45
N GLY B 233 -15.63 -2.58 -2.98
CA GLY B 233 -16.10 -1.29 -2.51
C GLY B 233 -16.40 -0.28 -3.60
N TYR B 234 -17.39 0.58 -3.37
CA TYR B 234 -17.78 1.59 -4.35
C TYR B 234 -16.88 2.83 -4.28
N ASP B 235 -16.69 3.50 -5.42
CA ASP B 235 -15.87 4.70 -5.56
C ASP B 235 -16.36 5.41 -6.84
N ILE B 236 -17.02 6.55 -6.70
CA ILE B 236 -17.65 7.28 -7.80
C ILE B 236 -16.69 7.75 -8.91
N VAL B 237 -17.02 7.36 -10.16
CA VAL B 237 -16.25 7.76 -11.33
C VAL B 237 -17.10 8.50 -12.34
N TYR B 238 -16.70 9.71 -12.71
CA TYR B 238 -17.32 10.46 -13.77
C TYR B 238 -16.48 10.11 -15.01
N HIS B 239 -16.99 9.26 -15.88
CA HIS B 239 -16.27 8.68 -17.00
C HIS B 239 -16.27 9.51 -18.31
N HIS B 240 -15.31 9.22 -19.23
CA HIS B 240 -15.18 9.93 -20.48
C HIS B 240 -16.37 9.70 -21.44
N ASP B 241 -17.21 8.69 -21.17
CA ASP B 241 -18.42 8.48 -21.99
C ASP B 241 -19.60 9.36 -21.51
N GLY B 242 -19.36 10.24 -20.53
CA GLY B 242 -20.41 11.10 -19.99
C GLY B 242 -21.30 10.42 -18.98
N GLU B 243 -21.02 9.15 -18.62
CA GLU B 243 -21.80 8.45 -17.60
C GLU B 243 -21.05 8.50 -16.23
N ILE B 244 -21.74 8.06 -15.16
CA ILE B 244 -21.22 8.01 -13.82
C ILE B 244 -21.31 6.56 -13.36
N TYR B 245 -20.20 6.03 -12.85
CA TYR B 245 -20.14 4.63 -12.44
C TYR B 245 -19.89 4.49 -10.95
N PRO B 246 -20.37 3.40 -10.34
CA PRO B 246 -20.17 3.25 -8.89
C PRO B 246 -18.78 2.79 -8.48
N CYS B 247 -17.88 2.52 -9.43
CA CYS B 247 -16.51 2.06 -9.13
C CYS B 247 -15.56 2.38 -10.30
N ALA B 248 -14.26 2.19 -10.09
CA ALA B 248 -13.22 2.42 -11.09
C ALA B 248 -12.73 1.15 -11.81
N SER B 249 -13.35 0.00 -11.53
CA SER B 249 -12.95 -1.25 -12.18
C SER B 249 -13.17 -1.25 -13.70
N PRO B 250 -12.20 -1.76 -14.48
CA PRO B 250 -12.41 -1.84 -15.96
C PRO B 250 -13.71 -2.54 -16.36
N ALA B 251 -14.18 -3.50 -15.52
CA ALA B 251 -15.40 -4.28 -15.76
C ALA B 251 -16.71 -3.48 -15.67
N ILE B 252 -16.77 -2.44 -14.79
CA ILE B 252 -18.01 -1.68 -14.62
C ILE B 252 -18.43 -0.90 -15.88
N PHE B 253 -17.46 -0.41 -16.68
CA PHE B 253 -17.73 0.43 -17.86
C PHE B 253 -18.54 -0.35 -18.92
N GLU B 254 -18.53 -1.70 -18.88
CA GLU B 254 -19.25 -2.61 -19.77
C GLU B 254 -20.70 -2.91 -19.28
N THR B 255 -21.05 -2.49 -18.06
CA THR B 255 -22.35 -2.78 -17.48
C THR B 255 -23.38 -1.68 -17.74
N LYS B 256 -24.66 -1.97 -17.41
CA LYS B 256 -25.72 -0.98 -17.50
C LYS B 256 -25.95 -0.33 -16.11
N ILE B 257 -24.96 -0.35 -15.20
CA ILE B 257 -25.10 0.27 -13.90
C ILE B 257 -24.53 1.69 -13.95
N THR B 258 -25.37 2.66 -14.21
CA THR B 258 -24.96 4.06 -14.23
C THR B 258 -25.70 4.86 -13.15
N LEU B 259 -25.07 5.91 -12.69
CA LEU B 259 -25.58 6.81 -11.66
C LEU B 259 -26.01 8.17 -12.23
N ARG B 260 -25.97 8.36 -13.56
CA ARG B 260 -26.38 9.61 -14.17
C ARG B 260 -27.84 9.58 -14.64
N GLU B 261 -28.64 10.56 -14.20
CA GLU B 261 -30.02 10.72 -14.64
C GLU B 261 -30.19 11.97 -15.53
N GLU B 262 -29.26 12.94 -15.48
CA GLU B 262 -29.34 14.14 -16.31
C GLU B 262 -27.96 14.78 -16.51
N TYR B 263 -27.84 15.62 -17.55
CA TYR B 263 -26.60 16.31 -17.92
C TYR B 263 -26.01 17.14 -16.78
N ASN B 264 -26.84 17.94 -16.09
CA ASN B 264 -26.36 18.79 -15.01
C ASN B 264 -26.80 18.23 -13.67
N GLN B 265 -26.13 17.18 -13.25
CA GLN B 265 -26.43 16.51 -12.00
C GLN B 265 -25.38 16.91 -10.96
N SER B 266 -25.84 17.28 -9.76
CA SER B 266 -24.91 17.62 -8.67
C SER B 266 -24.25 16.33 -8.07
N PHE B 267 -23.09 16.49 -7.40
CA PHE B 267 -22.39 15.41 -6.73
C PHE B 267 -23.23 14.91 -5.57
N GLU B 268 -23.94 15.82 -4.86
CA GLU B 268 -24.81 15.39 -3.77
C GLU B 268 -25.91 14.45 -4.29
N ARG B 269 -26.46 14.74 -5.50
CA ARG B 269 -27.43 13.90 -6.17
C ARG B 269 -26.83 12.54 -6.58
N THR B 270 -25.60 12.52 -7.14
CA THR B 270 -24.90 11.27 -7.50
C THR B 270 -24.72 10.39 -6.26
N VAL B 271 -24.31 10.99 -5.12
CA VAL B 271 -24.12 10.28 -3.88
C VAL B 271 -25.45 9.72 -3.36
N GLU B 272 -26.52 10.51 -3.46
CA GLU B 272 -27.84 10.09 -3.02
C GLU B 272 -28.33 8.91 -3.85
N LYS B 273 -28.10 8.94 -5.19
CA LYS B 273 -28.50 7.84 -6.07
C LYS B 273 -27.72 6.57 -5.74
N LEU B 274 -26.41 6.67 -5.50
CA LEU B 274 -25.59 5.52 -5.15
C LEU B 274 -26.06 4.90 -3.84
N ASN B 275 -26.40 5.73 -2.85
CA ASN B 275 -26.85 5.25 -1.55
C ASN B 275 -28.28 4.71 -1.56
N SER B 276 -29.09 5.04 -2.58
CA SER B 276 -30.46 4.52 -2.67
C SER B 276 -30.66 3.46 -3.76
N ASN B 277 -29.61 3.11 -4.52
CA ASN B 277 -29.68 2.10 -5.56
C ASN B 277 -29.85 0.71 -4.91
N LEU B 278 -31.02 0.08 -5.14
CA LEU B 278 -31.39 -1.22 -4.59
C LEU B 278 -30.47 -2.35 -5.01
N LEU B 279 -30.11 -2.44 -6.31
CA LEU B 279 -29.20 -3.47 -6.80
C LEU B 279 -27.85 -3.40 -6.05
N LEU B 280 -27.29 -2.18 -5.96
CA LEU B 280 -26.01 -1.96 -5.29
C LEU B 280 -26.09 -2.14 -3.77
N PHE B 281 -27.26 -1.89 -3.18
CA PHE B 281 -27.45 -2.11 -1.74
C PHE B 281 -27.44 -3.62 -1.50
N ILE B 282 -28.19 -4.39 -2.32
CA ILE B 282 -28.24 -5.86 -2.20
C ILE B 282 -26.85 -6.47 -2.47
N LEU B 283 -26.11 -5.94 -3.45
CA LEU B 283 -24.78 -6.45 -3.75
C LEU B 283 -23.83 -6.28 -2.58
N ARG B 284 -23.81 -5.08 -1.97
CA ARG B 284 -22.93 -4.81 -0.84
C ARG B 284 -23.29 -5.65 0.40
N LYS B 285 -24.57 -5.74 0.72
CA LYS B 285 -25.07 -6.45 1.90
C LYS B 285 -25.09 -7.99 1.77
N GLU B 286 -25.54 -8.51 0.63
CA GLU B 286 -25.68 -9.95 0.43
C GLU B 286 -24.58 -10.62 -0.36
N GLY B 287 -23.80 -9.84 -1.09
CA GLY B 287 -22.74 -10.40 -1.92
C GLY B 287 -23.27 -10.95 -3.24
N PHE B 288 -22.36 -11.43 -4.09
CA PHE B 288 -22.67 -12.01 -5.39
C PHE B 288 -23.45 -13.30 -5.34
N LYS B 289 -23.36 -14.03 -4.22
CA LYS B 289 -24.10 -15.28 -4.10
C LYS B 289 -25.60 -15.07 -4.17
N TRP B 290 -26.11 -13.90 -3.74
CA TRP B 290 -27.56 -13.61 -3.83
C TRP B 290 -28.00 -13.65 -5.31
N PHE B 291 -27.21 -13.02 -6.19
CA PHE B 291 -27.52 -12.99 -7.61
C PHE B 291 -27.25 -14.34 -8.30
N LEU B 292 -26.12 -14.97 -7.98
CA LEU B 292 -25.75 -16.26 -8.56
C LEU B 292 -26.69 -17.39 -8.20
N ASN B 293 -27.20 -17.41 -6.96
CA ASN B 293 -28.14 -18.45 -6.54
C ASN B 293 -29.48 -18.31 -7.25
N ILE B 294 -29.90 -17.08 -7.61
CA ILE B 294 -31.13 -16.84 -8.34
C ILE B 294 -31.02 -17.40 -9.76
N LEU B 295 -29.83 -17.26 -10.39
CA LEU B 295 -29.61 -17.82 -11.71
C LEU B 295 -29.44 -19.35 -11.67
N LYS B 296 -28.78 -19.89 -10.63
CA LYS B 296 -28.61 -21.33 -10.50
C LYS B 296 -29.93 -22.02 -10.23
N GLU B 297 -30.73 -21.46 -9.33
CA GLU B 297 -32.04 -22.00 -8.95
C GLU B 297 -32.99 -22.08 -10.15
N ASN B 298 -32.97 -21.05 -11.00
N ASN B 298 -32.99 -21.05 -11.01
CA ASN B 298 -33.83 -20.98 -12.18
CA ASN B 298 -33.86 -21.05 -12.19
C ASN B 298 -33.14 -21.49 -13.47
C ASN B 298 -33.17 -21.55 -13.47
N ASN B 299 -31.97 -22.16 -13.34
CA ASN B 299 -31.21 -22.73 -14.46
C ASN B 299 -30.94 -21.73 -15.59
N LYS B 300 -30.45 -20.52 -15.24
CA LYS B 300 -30.16 -19.45 -16.18
C LYS B 300 -28.68 -19.13 -16.37
N ILE B 301 -27.77 -19.94 -15.80
CA ILE B 301 -26.32 -19.69 -15.96
C ILE B 301 -25.90 -19.80 -17.44
N GLU B 302 -26.40 -20.82 -18.15
CA GLU B 302 -26.08 -21.03 -19.56
C GLU B 302 -26.83 -20.07 -20.48
N GLU B 303 -28.10 -19.76 -20.17
CA GLU B 303 -28.88 -18.81 -20.94
C GLU B 303 -28.24 -17.44 -20.99
N PHE B 304 -27.69 -16.98 -19.87
CA PHE B 304 -27.05 -15.66 -19.83
C PHE B 304 -25.55 -15.69 -20.12
N ASP B 305 -25.01 -16.88 -20.52
CA ASP B 305 -23.61 -17.10 -20.88
C ASP B 305 -22.63 -16.69 -19.79
N ILE B 306 -23.03 -16.86 -18.54
CA ILE B 306 -22.21 -16.52 -17.38
C ILE B 306 -21.02 -17.47 -17.34
N PRO B 307 -19.79 -16.94 -17.41
CA PRO B 307 -18.61 -17.81 -17.34
C PRO B 307 -18.52 -18.56 -16.01
N TYR B 308 -17.72 -19.60 -15.99
CA TYR B 308 -17.52 -20.44 -14.82
C TYR B 308 -16.29 -19.98 -14.04
N GLU B 309 -15.25 -19.54 -14.74
CA GLU B 309 -14.01 -19.07 -14.14
C GLU B 309 -13.74 -17.60 -14.49
N PHE B 310 -13.13 -16.84 -13.55
CA PHE B 310 -12.85 -15.41 -13.67
C PHE B 310 -11.48 -15.04 -13.15
N SER B 311 -10.87 -13.97 -13.70
CA SER B 311 -9.61 -13.46 -13.17
C SER B 311 -9.83 -12.63 -11.88
N SER B 312 -11.03 -12.08 -11.70
CA SER B 312 -11.31 -11.23 -10.55
C SER B 312 -12.79 -11.28 -10.18
N ILE B 313 -13.10 -10.82 -8.99
CA ILE B 313 -14.47 -10.69 -8.53
C ILE B 313 -15.26 -9.71 -9.44
N CYS B 314 -14.59 -8.66 -9.93
CA CYS B 314 -15.17 -7.67 -10.86
C CYS B 314 -15.64 -8.28 -12.17
N GLY B 315 -14.99 -9.36 -12.61
CA GLY B 315 -15.36 -10.08 -13.82
C GLY B 315 -16.71 -10.76 -13.67
N VAL B 316 -17.01 -11.26 -12.46
CA VAL B 316 -18.29 -11.89 -12.12
C VAL B 316 -19.36 -10.78 -12.20
N CYS B 317 -19.07 -9.62 -11.57
CA CYS B 317 -19.91 -8.42 -11.54
C CYS B 317 -20.29 -8.02 -12.97
N GLY B 318 -19.25 -7.88 -13.81
CA GLY B 318 -19.37 -7.55 -15.21
C GLY B 318 -20.30 -8.47 -15.96
N SER B 319 -20.15 -9.78 -15.78
CA SER B 319 -20.99 -10.73 -16.48
C SER B 319 -22.41 -10.88 -15.89
N LEU B 320 -22.67 -10.38 -14.68
CA LEU B 320 -24.01 -10.46 -14.09
C LEU B 320 -24.92 -9.27 -14.50
N PHE B 321 -24.31 -8.13 -14.84
CA PHE B 321 -25.09 -6.92 -15.13
C PHE B 321 -24.70 -6.20 -16.44
N ASN B 322 -24.03 -6.89 -17.40
CA ASN B 322 -23.60 -6.24 -18.65
C ASN B 322 -24.68 -6.19 -19.75
N SER B 323 -25.95 -6.38 -19.40
CA SER B 323 -27.04 -6.24 -20.36
C SER B 323 -28.32 -5.88 -19.65
N ALA B 324 -29.23 -5.20 -20.34
CA ALA B 324 -30.52 -4.83 -19.79
C ALA B 324 -31.35 -6.07 -19.47
N GLU B 325 -31.23 -7.15 -20.27
CA GLU B 325 -31.94 -8.43 -20.07
C GLU B 325 -31.58 -9.06 -18.72
N LYS B 326 -30.30 -8.99 -18.37
CA LYS B 326 -29.78 -9.53 -17.13
C LYS B 326 -30.25 -8.70 -15.94
N ILE B 327 -30.13 -7.35 -15.99
CA ILE B 327 -30.56 -6.50 -14.89
C ILE B 327 -32.07 -6.63 -14.64
N ASN B 328 -32.87 -6.54 -15.72
CA ASN B 328 -34.34 -6.66 -15.64
C ASN B 328 -34.77 -8.01 -15.08
N TYR B 329 -33.98 -9.05 -15.32
CA TYR B 329 -34.27 -10.37 -14.79
C TYR B 329 -34.33 -10.38 -13.26
N PHE B 330 -33.43 -9.62 -12.60
CA PHE B 330 -33.39 -9.58 -11.15
C PHE B 330 -34.46 -8.71 -10.49
N TYR B 331 -35.12 -7.82 -11.27
CA TYR B 331 -36.14 -6.87 -10.79
C TYR B 331 -37.19 -7.48 -9.81
N PRO B 332 -37.96 -8.55 -10.14
CA PRO B 332 -38.95 -9.06 -9.17
C PRO B 332 -38.33 -9.63 -7.89
N TYR B 333 -37.11 -10.17 -7.97
CA TYR B 333 -36.41 -10.71 -6.80
C TYR B 333 -35.93 -9.59 -5.89
N MET B 334 -35.43 -8.50 -6.48
CA MET B 334 -34.99 -7.34 -5.71
C MET B 334 -36.18 -6.63 -5.07
N GLU B 335 -37.30 -6.53 -5.80
CA GLU B 335 -38.55 -5.95 -5.33
C GLU B 335 -39.12 -6.75 -4.15
N LYS B 336 -39.00 -8.09 -4.22
CA LYS B 336 -39.43 -8.99 -3.15
C LYS B 336 -38.54 -8.81 -1.91
N TYR B 337 -37.23 -8.64 -2.12
CA TYR B 337 -36.25 -8.39 -1.06
C TYR B 337 -36.56 -7.07 -0.35
N TYR B 338 -36.96 -6.04 -1.11
CA TYR B 338 -37.30 -4.72 -0.59
C TYR B 338 -38.55 -4.77 0.31
N ASN B 339 -39.57 -5.54 -0.10
CA ASN B 339 -40.80 -5.69 0.66
C ASN B 339 -40.58 -6.48 1.95
N GLU B 340 -39.69 -7.47 1.91
CA GLU B 340 -39.38 -8.31 3.07
C GLU B 340 -38.51 -7.57 4.10
N ASN B 341 -37.67 -6.63 3.65
CA ASN B 341 -36.77 -5.91 4.55
C ASN B 341 -37.05 -4.40 4.57
FE1 SF4 C . 13.11 -12.31 10.11
FE2 SF4 C . 15.72 -12.00 11.13
FE3 SF4 C . 15.34 -13.64 8.95
FE4 SF4 C . 14.34 -14.44 11.42
S1 SF4 C . 16.58 -14.16 10.83
S2 SF4 C . 13.26 -14.54 9.38
S3 SF4 C . 13.77 -12.39 12.36
S4 SF4 C . 15.02 -11.34 9.04
FE1 SF4 D . 15.98 7.50 13.32
FE2 SF4 D . 14.84 6.17 11.17
FE3 SF4 D . 13.44 8.20 12.49
FE4 SF4 D . 13.87 5.74 13.70
S1 SF4 D . 12.62 6.13 11.79
S2 SF4 D . 14.14 7.85 14.65
S3 SF4 D . 15.97 5.22 12.92
S4 SF4 D . 15.40 8.41 11.26
N SAM E . 10.95 -12.74 11.04
CA SAM E . 9.96 -11.79 10.50
C SAM E . 10.31 -11.40 9.02
O SAM E . 9.45 -10.76 8.40
OXT SAM E . 11.43 -11.77 8.58
CB SAM E . 9.81 -10.47 11.34
CG SAM E . 11.15 -9.89 11.95
SD SAM E . 12.30 -9.18 10.73
CE SAM E . 13.70 -8.73 11.68
C5' SAM E . 11.41 -7.69 10.17
C4' SAM E . 11.82 -7.19 8.74
O4' SAM E . 13.08 -6.50 8.81
C3' SAM E . 11.96 -8.23 7.64
O3' SAM E . 11.19 -7.87 6.50
C2' SAM E . 13.48 -8.30 7.40
O2' SAM E . 13.93 -8.74 6.12
C1' SAM E . 13.87 -6.85 7.70
N9 SAM E . 15.28 -6.66 8.05
C8 SAM E . 16.05 -7.46 8.85
N7 SAM E . 17.29 -7.08 8.94
C5 SAM E . 17.36 -5.94 8.15
C6 SAM E . 18.41 -5.07 7.81
N6 SAM E . 19.66 -5.21 8.26
N1 SAM E . 18.13 -4.05 6.98
C2 SAM E . 16.88 -3.89 6.53
N3 SAM E . 15.82 -4.66 6.76
C4 SAM E . 16.11 -5.67 7.60
C1 EDO F . 10.40 2.57 10.22
O1 EDO F . 11.32 3.29 9.37
C2 EDO F . 9.82 3.52 11.32
O2 EDO F . 8.97 2.81 12.21
C1 EDO G . 19.43 -8.98 20.01
O1 EDO G . 18.53 -8.31 19.13
C2 EDO G . 19.98 -7.99 21.07
O2 EDO G . 18.91 -7.38 21.80
C1 EDO H . 31.26 -10.04 4.14
O1 EDO H . 32.05 -10.84 3.29
C2 EDO H . 31.82 -8.59 4.19
O2 EDO H . 33.07 -8.58 4.86
C1 EDO I . 7.53 -10.68 34.85
O1 EDO I . 7.26 -11.85 34.09
C2 EDO I . 6.23 -9.84 35.03
O2 EDO I . 5.33 -10.52 35.88
C1 EDO J . 8.48 -23.40 20.51
O1 EDO J . 8.29 -22.70 19.29
C2 EDO J . 7.17 -23.40 21.34
O2 EDO J . 6.22 -24.29 20.76
C1 GOL K . 5.57 -2.36 32.20
O1 GOL K . 5.98 -1.56 31.08
C2 GOL K . 4.24 -3.05 32.00
O2 GOL K . 4.19 -4.27 32.76
C3 GOL K . 3.07 -2.17 32.38
O3 GOL K . 1.85 -2.68 31.87
C1 EDO L . 30.58 -13.52 7.21
O1 EDO L . 31.17 -13.22 5.95
C2 EDO L . 31.46 -12.96 8.36
O2 EDO L . 30.92 -13.36 9.62
C1 EDO M . 11.93 -28.79 1.64
O1 EDO M . 12.20 -29.97 0.89
C2 EDO M . 10.71 -29.01 2.57
O2 EDO M . 9.56 -29.45 1.85
C1 GOL N . 1.02 -20.64 25.71
O1 GOL N . 0.14 -19.53 25.55
C2 GOL N . 2.47 -20.20 25.69
O2 GOL N . 2.84 -19.76 27.00
C3 GOL N . 3.35 -21.35 25.27
O3 GOL N . 3.11 -21.72 23.92
C1 EDO O . 17.58 10.25 24.90
O1 EDO O . 17.22 10.87 26.11
C2 EDO O . 16.90 8.88 24.87
O2 EDO O . 17.49 8.05 25.86
C1 EDO P . 11.64 -4.65 30.61
O1 EDO P . 12.69 -3.78 31.03
C2 EDO P . 12.24 -6.08 30.67
O2 EDO P . 11.40 -7.04 30.08
C1 EDO Q . 15.23 4.81 -1.93
O1 EDO Q . 14.27 5.37 -2.79
C2 EDO Q . 14.96 3.28 -1.77
O2 EDO Q . 14.29 3.01 -0.56
FE1 SF4 R . -3.22 3.32 -20.33
FE2 SF4 R . -4.97 2.24 -22.20
FE3 SF4 R . -2.26 1.75 -22.45
FE4 SF4 R . -3.24 4.27 -22.96
S1 SF4 R . -3.70 2.36 -24.15
S2 SF4 R . -1.36 3.74 -21.70
S3 SF4 R . -4.99 4.40 -21.43
S4 SF4 R . -3.64 1.04 -20.72
FE1 SF4 S . -18.58 -4.77 -9.50
FE2 SF4 S . -15.85 -4.81 -9.01
FE3 SF4 S . -17.58 -3.86 -7.09
FE4 SF4 S . -17.17 -2.41 -9.41
S1 SF4 S . -15.61 -2.89 -7.75
S2 SF4 S . -19.20 -2.85 -8.41
S3 SF4 S . -16.92 -4.12 -10.95
S4 SF4 S . -17.44 -6.02 -7.87
N SAM T . -3.04 5.48 -19.44
CA SAM T . -2.86 5.42 -17.98
C SAM T . -2.16 4.10 -17.53
O SAM T . -1.75 4.09 -16.36
OXT SAM T . -2.02 3.16 -18.36
CB SAM T . -4.21 5.57 -17.18
CG SAM T . -5.44 4.81 -17.73
SD SAM T . -5.25 3.03 -17.73
CE SAM T . -6.66 2.59 -18.66
C5' SAM T . -5.55 2.53 -16.00
C4' SAM T . -4.94 1.15 -15.57
O4' SAM T . -5.82 0.07 -15.97
C3' SAM T . -3.54 0.78 -16.11
O3' SAM T . -2.67 0.31 -15.08
C2' SAM T . -3.83 -0.30 -17.14
O2' SAM T . -2.76 -1.22 -17.37
C1' SAM T . -5.04 -0.99 -16.52
N9 SAM T . -5.85 -1.73 -17.48
C8 SAM T . -6.15 -1.35 -18.77
N7 SAM T . -6.91 -2.22 -19.40
C5 SAM T . -7.11 -3.23 -18.47
C6 SAM T . -7.77 -4.48 -18.55
N6 SAM T . -8.41 -4.92 -19.64
N1 SAM T . -7.74 -5.27 -17.45
C2 SAM T . -7.12 -4.82 -16.36
N3 SAM T . -6.45 -3.69 -16.17
C4 SAM T . -6.48 -2.93 -17.27
C1 EDO U . -26.01 20.46 -4.46
O1 EDO U . -24.90 20.10 -3.67
C2 EDO U . -27.01 19.30 -4.42
O2 EDO U . -28.06 19.48 -5.34
C1 EDO V . 4.11 8.55 1.51
O1 EDO V . 4.88 8.33 0.34
C2 EDO V . 3.95 10.07 1.75
O2 EDO V . 3.59 10.31 3.10
C1 EDO W . 11.37 18.55 -1.87
O1 EDO W . 11.74 19.57 -2.80
C2 EDO W . 9.82 18.49 -1.70
O2 EDO W . 9.46 17.59 -0.66
C1 EDO X . 11.11 21.93 -5.78
O1 EDO X . 10.33 21.27 -6.76
C2 EDO X . 10.30 22.07 -4.49
O2 EDO X . 10.92 23.05 -3.66
C1 EDO Y . 6.02 4.53 -1.99
O1 EDO Y . 5.89 3.28 -2.67
C2 EDO Y . 7.19 5.36 -2.57
O2 EDO Y . 6.89 6.75 -2.41
C1 GOL Z . 2.75 18.05 -0.88
O1 GOL Z . 2.02 19.28 -0.86
C2 GOL Z . 1.98 17.00 -1.64
O2 GOL Z . 2.62 16.74 -2.89
C3 GOL Z . 1.87 15.71 -0.85
O3 GOL Z . 1.26 15.94 0.41
C1 EDO AA . 1.36 19.00 -23.18
O1 EDO AA . 2.77 19.01 -23.07
C2 EDO AA . 0.83 20.44 -23.03
O2 EDO AA . -0.60 20.42 -23.01
C1 EDO BA . 10.67 7.13 -4.29
O1 EDO BA . 10.18 7.83 -3.14
C2 EDO BA . 10.69 5.59 -4.08
O2 EDO BA . 11.75 5.22 -3.21
C1 EDO CA . -7.23 -3.60 -12.05
O1 EDO CA . -8.25 -4.12 -12.89
C2 EDO CA . -6.56 -2.37 -12.72
O2 EDO CA . -5.53 -1.88 -11.85
C1 EDO DA . -22.54 19.59 -12.64
O1 EDO DA . -22.56 19.10 -13.99
C2 EDO DA . -23.79 20.47 -12.39
O2 EDO DA . -23.90 20.83 -11.02
C1 GOL EA . -12.18 0.43 -7.93
O1 GOL EA . -13.22 0.87 -7.06
C2 GOL EA . -11.86 -1.04 -7.76
O2 GOL EA . -13.09 -1.78 -7.65
C3 GOL EA . -11.07 -1.54 -8.94
O3 GOL EA . -10.87 -2.94 -8.85
#